data_4H6Y
#
_entry.id   4H6Y
#
_cell.length_a   142.237
_cell.length_b   142.237
_cell.length_c   105.180
_cell.angle_alpha   90.00
_cell.angle_beta   90.00
_cell.angle_gamma   120.00
#
_symmetry.space_group_name_H-M   'P 32'
#
_entity_poly.entity_id   1
_entity_poly.type   'polypeptide(L)'
_entity_poly.pdbx_seq_one_letter_code
;GPHMDKAYFIAKEVSTTERTYLKDLEVITSWFQSTVSKEDAMPEALKSLIFPNFEPLHKFHTNFLKEIEQRLALWEGRSN
AQIRDYQRIGDVMLKNIQGMKHLAAHLWKHSEALEALENGIKSSRRLENFCRDFELQKVCYLPLNTFLLRPLHRLMHYKQ
VLERLCKHHPPSHADFRDCRAALAEITEMVAQLHGTMIKMENFQKLHELKKDLIGIDNLVVPGREFIRLGSLSKLSGKGL
QQRMFFLFNDVLLYTSRGLTASNQFKVHGQLPLYGMTIEESEDEWGVPHCLTLRGQRQSIIVAASSRSEMEKWVEDIQMA
IDLAEKSSSPAPEFLASSPPDNKSPDEATAADQESEDDLSASRTSLERQAPHRGNTMVHVCWHRNTSVSMVDFSIAVENQ
LSGNLLRKFKNSNGWQKLWVVFTNFCLFFYKSHQDNHPLASLPLLGYSLTIPSESENIQKDYVFKLHFKSHVYYFRAESE
YTFERWMEVIRSATSSASRPH
;
_entity_poly.pdbx_strand_id   A,B
#
# COMPACT_ATOMS: atom_id res chain seq x y z
N HIS A 3 -17.60 -35.12 4.38
CA HIS A 3 -17.66 -34.76 2.97
C HIS A 3 -16.62 -35.54 2.16
N MET A 4 -16.67 -35.40 0.85
CA MET A 4 -15.75 -36.11 -0.04
C MET A 4 -15.48 -35.35 -1.33
N ASP A 5 -15.00 -34.12 -1.20
CA ASP A 5 -14.63 -33.31 -2.36
C ASP A 5 -13.63 -32.22 -1.96
N LYS A 6 -13.01 -31.60 -2.98
CA LYS A 6 -11.91 -30.67 -2.75
C LYS A 6 -12.33 -29.33 -2.13
N ALA A 7 -13.61 -29.02 -2.18
CA ALA A 7 -14.11 -27.77 -1.62
C ALA A 7 -14.08 -27.79 -0.10
N TYR A 8 -14.62 -28.86 0.49
CA TYR A 8 -14.66 -29.02 1.95
C TYR A 8 -13.27 -29.09 2.55
N PHE A 9 -12.36 -29.75 1.84
CA PHE A 9 -10.99 -29.93 2.31
C PHE A 9 -10.28 -28.59 2.53
N ILE A 10 -10.69 -27.57 1.79
CA ILE A 10 -10.14 -26.23 1.94
C ILE A 10 -10.42 -25.68 3.33
N ALA A 11 -11.67 -25.83 3.77
CA ALA A 11 -12.10 -25.35 5.07
C ALA A 11 -11.25 -25.90 6.20
N LYS A 12 -10.76 -27.12 6.02
CA LYS A 12 -9.86 -27.74 6.99
C LYS A 12 -8.56 -26.94 7.08
N GLU A 13 -7.97 -26.64 5.92
CA GLU A 13 -6.73 -25.87 5.86
C GLU A 13 -6.91 -24.50 6.51
N VAL A 14 -8.05 -23.88 6.26
CA VAL A 14 -8.34 -22.57 6.83
C VAL A 14 -8.37 -22.64 8.35
N SER A 15 -9.19 -23.55 8.86
CA SER A 15 -9.35 -23.72 10.30
C SER A 15 -8.04 -24.11 10.97
N THR A 16 -7.33 -25.06 10.37
CA THR A 16 -6.09 -25.56 10.96
C THR A 16 -4.98 -24.51 11.00
N THR A 17 -4.98 -23.61 10.02
CA THR A 17 -3.98 -22.55 9.99
C THR A 17 -4.45 -21.34 10.80
N GLU A 18 -5.76 -21.25 11.01
CA GLU A 18 -6.33 -20.22 11.86
C GLU A 18 -6.09 -20.59 13.31
N ARG A 19 -6.05 -21.89 13.58
CA ARG A 19 -5.84 -22.39 14.93
C ARG A 19 -4.44 -22.08 15.42
N THR A 20 -3.49 -21.99 14.50
CA THR A 20 -2.11 -21.62 14.85
C THR A 20 -1.92 -20.12 14.79
N TYR A 21 -2.74 -19.45 13.99
CA TYR A 21 -2.71 -17.99 13.91
C TYR A 21 -3.05 -17.38 15.26
N LEU A 22 -4.10 -17.89 15.89
CA LEU A 22 -4.49 -17.45 17.22
C LEU A 22 -3.39 -17.80 18.22
N LYS A 23 -2.79 -18.96 18.02
CA LYS A 23 -1.73 -19.43 18.92
C LYS A 23 -0.53 -18.49 18.84
N ASP A 24 -0.37 -17.82 17.71
CA ASP A 24 0.69 -16.83 17.55
C ASP A 24 0.33 -15.51 18.23
N LEU A 25 -0.96 -15.18 18.25
CA LEU A 25 -1.42 -13.99 18.94
C LEU A 25 -1.32 -14.21 20.44
N GLU A 26 -1.49 -15.47 20.86
CA GLU A 26 -1.38 -15.84 22.26
C GLU A 26 0.06 -15.81 22.74
N VAL A 27 0.99 -15.55 21.81
CA VAL A 27 2.39 -15.32 22.16
C VAL A 27 2.57 -13.84 22.46
N ILE A 28 1.49 -13.08 22.35
CA ILE A 28 1.51 -11.64 22.64
C ILE A 28 0.39 -11.19 23.60
N THR A 29 -0.87 -11.46 23.22
CA THR A 29 -2.00 -11.06 24.05
C THR A 29 -2.11 -11.91 25.30
N SER A 30 -1.36 -13.01 25.33
CA SER A 30 -1.34 -13.91 26.47
C SER A 30 0.06 -14.06 27.05
N TRP A 31 0.94 -14.76 26.35
CA TRP A 31 2.26 -15.08 26.87
C TRP A 31 3.17 -13.87 27.06
N PHE A 32 3.29 -13.01 26.06
CA PHE A 32 4.13 -11.83 26.18
C PHE A 32 3.46 -10.79 27.07
N GLN A 33 2.14 -10.90 27.20
CA GLN A 33 1.37 -9.99 28.04
C GLN A 33 1.74 -10.14 29.51
N SER A 34 1.75 -11.38 29.99
CA SER A 34 2.03 -11.67 31.39
C SER A 34 3.50 -11.37 31.75
N THR A 35 4.41 -11.56 30.80
CA THR A 35 5.82 -11.30 31.04
C THR A 35 6.09 -9.80 31.03
N VAL A 36 5.07 -9.03 30.68
CA VAL A 36 5.15 -7.58 30.70
C VAL A 36 4.54 -7.04 31.99
N SER A 37 3.37 -7.57 32.35
CA SER A 37 2.69 -7.14 33.56
C SER A 37 3.45 -7.56 34.82
N LYS A 38 4.21 -8.64 34.72
CA LYS A 38 4.99 -9.11 35.85
C LYS A 38 6.19 -8.19 36.12
N GLU A 39 6.70 -7.56 35.06
CA GLU A 39 7.85 -6.67 35.17
C GLU A 39 7.45 -5.21 35.37
N ASP A 40 6.35 -4.81 34.72
CA ASP A 40 5.93 -3.41 34.69
C ASP A 40 7.05 -2.54 34.15
N ALA A 41 7.89 -3.13 33.32
CA ALA A 41 9.11 -2.48 32.83
C ALA A 41 8.89 -1.79 31.50
N MET A 42 7.77 -2.08 30.84
CA MET A 42 7.45 -1.43 29.58
C MET A 42 6.68 -0.15 29.83
N PRO A 43 7.17 0.97 29.27
CA PRO A 43 6.55 2.29 29.42
C PRO A 43 5.07 2.26 29.05
N GLU A 44 4.25 3.01 29.77
CA GLU A 44 2.81 3.04 29.54
C GLU A 44 2.48 3.68 28.20
N ALA A 45 3.48 4.30 27.58
CA ALA A 45 3.33 4.90 26.26
C ALA A 45 3.44 3.83 25.18
N LEU A 46 4.29 2.85 25.43
CA LEU A 46 4.49 1.76 24.48
C LEU A 46 3.55 0.60 24.75
N LYS A 47 3.33 0.30 26.02
CA LYS A 47 2.42 -0.77 26.41
C LYS A 47 1.01 -0.47 25.90
N SER A 48 0.69 0.82 25.81
CA SER A 48 -0.59 1.25 25.24
C SER A 48 -0.42 1.59 23.77
N LEU A 49 0.28 0.74 23.05
CA LEU A 49 0.55 0.95 21.63
C LEU A 49 0.66 -0.38 20.90
N ILE A 50 1.21 -1.37 21.58
CA ILE A 50 1.35 -2.70 21.00
C ILE A 50 0.14 -3.59 21.32
N PHE A 51 -0.29 -3.56 22.57
CA PHE A 51 -1.41 -4.39 23.04
C PHE A 51 -2.82 -3.92 22.63
N PRO A 52 -3.10 -2.60 22.68
CA PRO A 52 -4.42 -2.15 22.23
C PRO A 52 -4.74 -2.50 20.77
N ASN A 53 -3.71 -2.66 19.95
CA ASN A 53 -3.90 -2.98 18.53
C ASN A 53 -3.80 -4.48 18.24
N PHE A 54 -3.79 -5.29 19.28
CA PHE A 54 -3.57 -6.72 19.12
C PHE A 54 -4.63 -7.59 19.76
N GLU A 55 -5.06 -7.26 20.98
CA GLU A 55 -6.07 -8.06 21.67
C GLU A 55 -7.39 -8.22 20.90
N PRO A 56 -7.90 -7.15 20.27
CA PRO A 56 -9.13 -7.35 19.49
C PRO A 56 -8.99 -8.36 18.36
N LEU A 57 -7.79 -8.46 17.79
CA LEU A 57 -7.53 -9.44 16.75
C LEU A 57 -7.76 -10.86 17.25
N HIS A 58 -7.37 -11.11 18.49
CA HIS A 58 -7.56 -12.43 19.09
C HIS A 58 -9.03 -12.70 19.40
N LYS A 59 -9.68 -11.75 20.09
CA LYS A 59 -11.07 -11.92 20.51
C LYS A 59 -12.04 -11.89 19.33
N PHE A 60 -11.54 -11.56 18.15
CA PHE A 60 -12.35 -11.60 16.93
C PHE A 60 -12.08 -12.86 16.14
N HIS A 61 -10.80 -13.17 15.92
CA HIS A 61 -10.42 -14.35 15.17
C HIS A 61 -10.74 -15.64 15.93
N THR A 62 -10.95 -15.52 17.24
CA THR A 62 -11.45 -16.64 18.03
C THR A 62 -12.93 -16.78 17.74
N ASN A 63 -13.60 -15.65 17.55
CA ASN A 63 -15.01 -15.61 17.20
C ASN A 63 -15.22 -15.99 15.75
N PHE A 64 -14.19 -15.74 14.94
CA PHE A 64 -14.20 -16.22 13.57
C PHE A 64 -14.06 -17.72 13.60
N LEU A 65 -13.12 -18.20 14.40
CA LEU A 65 -12.81 -19.62 14.48
C LEU A 65 -14.00 -20.43 14.98
N LYS A 66 -14.78 -19.85 15.89
CA LYS A 66 -15.99 -20.49 16.38
C LYS A 66 -17.09 -20.49 15.32
N GLU A 67 -16.97 -19.60 14.35
CA GLU A 67 -17.95 -19.52 13.26
C GLU A 67 -17.64 -20.53 12.18
N ILE A 68 -16.37 -20.62 11.80
CA ILE A 68 -15.96 -21.55 10.75
C ILE A 68 -16.04 -23.00 11.23
N GLU A 69 -15.46 -23.29 12.37
CA GLU A 69 -15.46 -24.67 12.91
C GLU A 69 -16.88 -25.16 13.17
N GLN A 70 -17.80 -24.23 13.39
CA GLN A 70 -19.21 -24.55 13.53
C GLN A 70 -19.78 -25.04 12.20
N ARG A 71 -19.40 -24.34 11.13
CA ARG A 71 -19.85 -24.68 9.79
C ARG A 71 -19.25 -26.00 9.33
N LEU A 72 -18.08 -26.32 9.87
CA LEU A 72 -17.43 -27.60 9.59
C LEU A 72 -18.25 -28.74 10.17
N ALA A 73 -18.68 -28.59 11.42
CA ALA A 73 -19.46 -29.61 12.11
C ALA A 73 -20.83 -29.81 11.47
N LEU A 74 -21.34 -28.77 10.81
CA LEU A 74 -22.65 -28.85 10.17
C LEU A 74 -22.54 -29.59 8.83
N TRP A 75 -21.41 -29.40 8.16
CA TRP A 75 -21.18 -30.01 6.85
C TRP A 75 -21.05 -31.52 6.94
N GLU A 76 -20.24 -31.98 7.90
CA GLU A 76 -20.01 -33.41 8.07
C GLU A 76 -20.88 -33.98 9.20
N GLY A 90 -17.70 -20.36 2.74
CA GLY A 90 -18.53 -19.63 1.81
C GLY A 90 -19.04 -18.31 2.35
N ASP A 91 -20.21 -18.33 2.98
CA ASP A 91 -20.83 -17.12 3.51
C ASP A 91 -20.10 -16.60 4.75
N VAL A 92 -19.59 -17.52 5.57
CA VAL A 92 -18.82 -17.18 6.76
C VAL A 92 -17.60 -16.33 6.38
N MET A 93 -17.02 -16.63 5.24
CA MET A 93 -15.90 -15.85 4.71
C MET A 93 -16.32 -14.39 4.53
N LEU A 94 -17.17 -14.14 3.52
CA LEU A 94 -17.60 -12.79 3.18
C LEU A 94 -18.19 -12.02 4.37
N LYS A 95 -18.78 -12.73 5.32
CA LYS A 95 -19.31 -12.09 6.52
C LYS A 95 -18.19 -11.50 7.37
N ASN A 96 -17.23 -12.35 7.76
CA ASN A 96 -16.14 -11.90 8.62
C ASN A 96 -15.09 -11.08 7.88
N ILE A 97 -14.90 -11.35 6.60
CA ILE A 97 -13.98 -10.56 5.79
C ILE A 97 -14.45 -9.11 5.73
N GLN A 98 -15.76 -8.92 5.61
CA GLN A 98 -16.34 -7.59 5.64
C GLN A 98 -16.22 -6.99 7.04
N GLY A 99 -16.05 -7.86 8.03
CA GLY A 99 -15.89 -7.45 9.41
C GLY A 99 -14.48 -7.01 9.76
N MET A 100 -13.50 -7.57 9.08
CA MET A 100 -12.09 -7.23 9.30
C MET A 100 -11.81 -5.79 8.92
N LYS A 101 -12.69 -5.21 8.10
CA LYS A 101 -12.52 -3.84 7.65
C LYS A 101 -12.62 -2.87 8.82
N HIS A 102 -13.22 -3.32 9.92
CA HIS A 102 -13.28 -2.53 11.14
C HIS A 102 -12.07 -2.82 12.03
N LEU A 103 -11.03 -3.41 11.44
CA LEU A 103 -9.81 -3.74 12.17
C LEU A 103 -8.58 -3.18 11.46
N ALA A 104 -8.78 -2.61 10.28
CA ALA A 104 -7.68 -2.12 9.46
C ALA A 104 -6.89 -1.04 10.19
N ALA A 105 -7.58 -0.23 10.99
CA ALA A 105 -6.93 0.84 11.74
C ALA A 105 -5.84 0.30 12.66
N HIS A 106 -6.15 -0.80 13.36
CA HIS A 106 -5.19 -1.44 14.23
C HIS A 106 -3.98 -1.93 13.44
N LEU A 107 -4.24 -2.48 12.26
CA LEU A 107 -3.19 -3.05 11.42
C LEU A 107 -2.27 -1.97 10.85
N TRP A 108 -2.76 -0.74 10.79
CA TRP A 108 -1.95 0.37 10.32
C TRP A 108 -1.04 0.90 11.41
N LYS A 109 -1.26 0.43 12.64
CA LYS A 109 -0.44 0.85 13.77
C LYS A 109 0.63 -0.18 14.12
N HIS A 110 0.74 -1.23 13.30
CA HIS A 110 1.72 -2.28 13.52
C HIS A 110 3.13 -1.84 13.14
N SER A 111 3.26 -1.15 12.01
CA SER A 111 4.54 -0.63 11.55
C SER A 111 5.08 0.38 12.55
N GLU A 112 4.18 1.14 13.16
CA GLU A 112 4.54 2.12 14.17
C GLU A 112 5.07 1.42 15.41
N ALA A 113 4.58 0.21 15.64
CA ALA A 113 4.94 -0.55 16.82
C ALA A 113 6.29 -1.22 16.68
N LEU A 114 6.51 -1.88 15.54
CA LEU A 114 7.75 -2.59 15.28
C LEU A 114 8.93 -1.64 15.31
N GLU A 115 8.72 -0.43 14.80
CA GLU A 115 9.74 0.61 14.86
C GLU A 115 9.91 1.07 16.29
N ALA A 116 8.82 1.13 17.03
CA ALA A 116 8.86 1.57 18.43
C ALA A 116 9.47 0.52 19.34
N LEU A 117 9.20 -0.75 19.05
CA LEU A 117 9.71 -1.85 19.87
C LEU A 117 11.21 -2.00 19.72
N GLU A 118 11.80 -1.28 18.78
CA GLU A 118 13.25 -1.35 18.58
C GLU A 118 13.94 -0.10 19.08
N ASN A 119 13.21 0.99 19.14
CA ASN A 119 13.74 2.24 19.68
C ASN A 119 13.83 2.18 21.20
N GLY A 120 13.08 1.25 21.79
CA GLY A 120 13.08 1.07 23.23
C GLY A 120 14.11 0.03 23.64
N ILE A 121 14.42 -0.87 22.72
CA ILE A 121 15.46 -1.88 22.96
C ILE A 121 16.84 -1.24 22.69
N LYS A 122 16.85 -0.18 21.90
CA LYS A 122 18.08 0.53 21.62
C LYS A 122 18.41 1.57 22.69
N SER A 123 17.60 1.61 23.75
CA SER A 123 17.81 2.56 24.84
C SER A 123 17.72 1.89 26.21
N SER A 124 16.51 1.47 26.57
CA SER A 124 16.28 0.75 27.82
C SER A 124 17.03 -0.58 27.82
N ARG A 125 18.20 -0.60 28.46
CA ARG A 125 19.00 -1.81 28.57
C ARG A 125 18.25 -2.92 29.30
N ARG A 126 17.32 -2.53 30.17
CA ARG A 126 16.47 -3.50 30.87
C ARG A 126 15.57 -4.20 29.86
N LEU A 127 15.01 -3.43 28.94
CA LEU A 127 14.07 -3.97 27.96
C LEU A 127 14.80 -4.89 26.99
N GLU A 128 16.01 -4.52 26.60
CA GLU A 128 16.83 -5.34 25.73
C GLU A 128 17.17 -6.66 26.40
N ASN A 129 17.66 -6.58 27.63
CA ASN A 129 18.05 -7.76 28.38
C ASN A 129 16.86 -8.66 28.69
N PHE A 130 15.68 -8.06 28.77
CA PHE A 130 14.45 -8.78 29.05
C PHE A 130 13.82 -9.36 27.79
N CYS A 131 13.78 -8.57 26.72
CA CYS A 131 13.17 -8.99 25.47
C CYS A 131 13.88 -10.21 24.92
N ARG A 132 15.21 -10.19 24.96
CA ARG A 132 16.01 -11.33 24.55
C ARG A 132 15.71 -12.52 25.45
N ASP A 133 15.60 -12.25 26.75
CA ASP A 133 15.32 -13.29 27.74
C ASP A 133 13.94 -13.87 27.52
N PHE A 134 13.03 -13.06 26.99
CA PHE A 134 11.71 -13.56 26.60
C PHE A 134 11.79 -14.39 25.33
N GLU A 135 12.63 -13.96 24.39
CA GLU A 135 12.79 -14.70 23.14
C GLU A 135 13.34 -16.10 23.37
N LEU A 136 14.04 -16.28 24.48
CA LEU A 136 14.61 -17.57 24.80
C LEU A 136 13.60 -18.50 25.48
N GLN A 137 12.37 -18.01 25.65
CA GLN A 137 11.31 -18.85 26.17
C GLN A 137 10.87 -19.87 25.14
N LYS A 138 10.32 -20.99 25.59
CA LYS A 138 9.96 -22.08 24.71
C LYS A 138 8.55 -21.95 24.14
N VAL A 139 8.02 -20.73 24.12
CA VAL A 139 6.75 -20.44 23.45
C VAL A 139 7.07 -19.50 22.30
N CYS A 140 8.15 -18.76 22.47
CA CYS A 140 8.66 -17.85 21.46
C CYS A 140 9.52 -18.66 20.49
N TYR A 141 8.86 -19.49 19.68
CA TYR A 141 9.58 -20.38 18.76
C TYR A 141 10.15 -19.63 17.57
N LEU A 142 9.59 -18.45 17.31
CA LEU A 142 10.11 -17.53 16.29
C LEU A 142 10.59 -16.26 16.98
N PRO A 143 11.55 -15.54 16.37
CA PRO A 143 12.00 -14.24 16.91
C PRO A 143 10.84 -13.28 17.14
N LEU A 144 10.87 -12.56 18.26
CA LEU A 144 9.72 -11.78 18.75
C LEU A 144 9.13 -10.83 17.72
N ASN A 145 10.00 -10.21 16.93
CA ASN A 145 9.58 -9.24 15.94
C ASN A 145 8.63 -9.84 14.89
N THR A 146 8.89 -11.09 14.50
CA THR A 146 8.11 -11.74 13.46
C THR A 146 6.65 -11.98 13.86
N PHE A 147 6.40 -12.00 15.17
CA PHE A 147 5.05 -12.20 15.68
C PHE A 147 4.16 -10.98 15.49
N LEU A 148 4.80 -9.82 15.32
CA LEU A 148 4.08 -8.57 15.10
C LEU A 148 3.61 -8.46 13.66
N LEU A 149 4.10 -9.37 12.82
CA LEU A 149 3.77 -9.35 11.40
C LEU A 149 2.61 -10.28 11.09
N ARG A 150 2.48 -11.34 11.89
CA ARG A 150 1.44 -12.35 11.70
C ARG A 150 0.01 -11.81 11.49
N PRO A 151 -0.37 -10.75 12.21
CA PRO A 151 -1.69 -10.17 11.90
C PRO A 151 -1.81 -9.69 10.45
N LEU A 152 -0.70 -9.33 9.82
CA LEU A 152 -0.70 -8.88 8.43
C LEU A 152 -0.44 -10.02 7.46
N HIS A 153 0.19 -11.08 7.96
CA HIS A 153 0.45 -12.27 7.15
C HIS A 153 -0.81 -13.09 6.97
N ARG A 154 -1.72 -13.02 7.95
CA ARG A 154 -2.98 -13.74 7.88
C ARG A 154 -3.88 -13.10 6.82
N LEU A 155 -3.51 -11.90 6.40
CA LEU A 155 -4.21 -11.22 5.32
C LEU A 155 -3.88 -11.86 3.98
N MET A 156 -2.62 -12.22 3.81
CA MET A 156 -2.14 -12.86 2.58
C MET A 156 -2.72 -14.26 2.42
N HIS A 157 -2.68 -15.05 3.50
CA HIS A 157 -3.11 -16.44 3.45
C HIS A 157 -4.64 -16.58 3.34
N TYR A 158 -5.36 -15.48 3.54
CA TYR A 158 -6.79 -15.45 3.27
C TYR A 158 -7.00 -15.29 1.78
N LYS A 159 -6.14 -14.50 1.14
CA LYS A 159 -6.19 -14.31 -0.30
C LYS A 159 -5.90 -15.62 -1.01
N GLN A 160 -4.85 -16.30 -0.56
CA GLN A 160 -4.42 -17.56 -1.15
C GLN A 160 -5.50 -18.62 -1.09
N VAL A 161 -6.26 -18.63 0.00
CA VAL A 161 -7.34 -19.59 0.16
C VAL A 161 -8.53 -19.23 -0.74
N LEU A 162 -8.93 -17.97 -0.71
CA LEU A 162 -10.12 -17.51 -1.42
C LEU A 162 -9.90 -17.42 -2.94
N GLU A 163 -8.65 -17.33 -3.35
CA GLU A 163 -8.29 -17.42 -4.76
C GLU A 163 -8.45 -18.86 -5.25
N ARG A 164 -8.01 -19.80 -4.41
CA ARG A 164 -8.09 -21.21 -4.75
C ARG A 164 -9.53 -21.71 -4.81
N LEU A 165 -10.43 -20.97 -4.19
CA LEU A 165 -11.85 -21.30 -4.25
C LEU A 165 -12.45 -20.79 -5.56
N CYS A 166 -12.03 -19.62 -5.99
CA CYS A 166 -12.51 -19.04 -7.23
C CYS A 166 -12.00 -19.82 -8.44
N LYS A 167 -11.03 -20.69 -8.20
CA LYS A 167 -10.53 -21.59 -9.24
C LYS A 167 -11.33 -22.89 -9.26
N HIS A 168 -11.69 -23.39 -8.08
CA HIS A 168 -12.43 -24.63 -7.96
C HIS A 168 -13.89 -24.45 -8.35
N HIS A 169 -14.64 -23.73 -7.52
CA HIS A 169 -16.06 -23.49 -7.74
C HIS A 169 -16.35 -22.79 -9.06
N PRO A 170 -17.33 -23.29 -9.79
CA PRO A 170 -17.70 -22.74 -11.10
C PRO A 170 -18.44 -21.42 -10.98
N ARG A 177 -19.97 -17.42 -6.50
CA ARG A 177 -20.61 -16.11 -6.58
C ARG A 177 -20.34 -15.29 -5.32
N ASP A 178 -20.39 -15.94 -4.17
CA ASP A 178 -20.06 -15.29 -2.91
C ASP A 178 -18.56 -15.39 -2.65
N CYS A 179 -17.94 -16.43 -3.18
CA CYS A 179 -16.49 -16.59 -3.07
C CYS A 179 -15.77 -15.55 -3.93
N ARG A 180 -16.47 -15.03 -4.93
CA ARG A 180 -15.90 -14.00 -5.80
C ARG A 180 -15.88 -12.66 -5.08
N ALA A 181 -16.77 -12.50 -4.12
CA ALA A 181 -16.83 -11.30 -3.30
C ALA A 181 -15.68 -11.27 -2.30
N ALA A 182 -15.33 -12.44 -1.77
CA ALA A 182 -14.29 -12.54 -0.76
C ALA A 182 -12.89 -12.37 -1.35
N LEU A 183 -12.67 -12.92 -2.54
CA LEU A 183 -11.40 -12.75 -3.23
C LEU A 183 -11.26 -11.34 -3.81
N ALA A 184 -12.38 -10.65 -3.97
CA ALA A 184 -12.35 -9.26 -4.44
C ALA A 184 -12.11 -8.32 -3.27
N GLU A 185 -12.75 -8.63 -2.14
CA GLU A 185 -12.62 -7.84 -0.93
C GLU A 185 -11.23 -7.93 -0.33
N ILE A 186 -10.71 -9.15 -0.23
CA ILE A 186 -9.38 -9.38 0.34
C ILE A 186 -8.28 -8.71 -0.48
N THR A 187 -8.34 -8.86 -1.80
CA THR A 187 -7.34 -8.28 -2.70
C THR A 187 -7.19 -6.78 -2.49
N GLU A 188 -8.31 -6.07 -2.57
CA GLU A 188 -8.32 -4.63 -2.39
C GLU A 188 -7.79 -4.26 -1.01
N MET A 189 -8.08 -5.12 -0.04
CA MET A 189 -7.66 -4.91 1.34
C MET A 189 -6.16 -5.10 1.51
N VAL A 190 -5.67 -6.25 1.07
CA VAL A 190 -4.27 -6.59 1.24
C VAL A 190 -3.39 -5.68 0.39
N ALA A 191 -3.86 -5.36 -0.81
CA ALA A 191 -3.10 -4.49 -1.70
C ALA A 191 -3.06 -3.06 -1.18
N GLN A 192 -4.00 -2.73 -0.30
CA GLN A 192 -3.99 -1.42 0.35
C GLN A 192 -3.05 -1.44 1.55
N LEU A 193 -3.03 -2.57 2.25
CA LEU A 193 -2.07 -2.77 3.34
C LEU A 193 -0.73 -3.24 2.81
N HIS A 194 -0.53 -3.12 1.50
CA HIS A 194 0.74 -3.45 0.87
C HIS A 194 1.80 -2.44 1.26
N GLY A 195 1.37 -1.36 1.92
CA GLY A 195 2.26 -0.32 2.35
C GLY A 195 3.18 -0.76 3.47
N THR A 196 2.62 -0.94 4.64
CA THR A 196 3.38 -1.37 5.80
C THR A 196 3.91 -2.80 5.66
N MET A 197 3.17 -3.66 4.96
CA MET A 197 3.48 -5.09 4.87
C MET A 197 4.80 -5.36 4.16
N ILE A 198 5.35 -4.32 3.54
CA ILE A 198 6.66 -4.43 2.90
C ILE A 198 7.69 -3.58 3.64
N LYS A 199 7.24 -2.45 4.18
CA LYS A 199 8.13 -1.57 4.92
C LYS A 199 8.68 -2.32 6.13
N MET A 200 7.79 -2.88 6.93
CA MET A 200 8.20 -3.58 8.14
C MET A 200 8.64 -5.00 7.83
N GLU A 201 8.44 -5.41 6.58
CA GLU A 201 8.89 -6.73 6.17
C GLU A 201 10.41 -6.72 6.09
N ASN A 202 10.95 -5.76 5.36
CA ASN A 202 12.40 -5.66 5.18
C ASN A 202 13.04 -4.97 6.37
N PHE A 203 12.22 -4.45 7.25
CA PHE A 203 12.68 -3.84 8.48
C PHE A 203 13.13 -4.93 9.45
N GLN A 204 12.30 -5.95 9.63
CA GLN A 204 12.56 -7.02 10.59
C GLN A 204 13.83 -7.81 10.27
N LYS A 205 13.92 -8.32 9.05
CA LYS A 205 15.07 -9.11 8.63
C LYS A 205 16.33 -8.25 8.47
N LEU A 206 16.17 -6.95 8.64
CA LEU A 206 17.31 -6.04 8.67
C LEU A 206 17.78 -5.89 10.10
N HIS A 207 16.83 -5.78 11.03
CA HIS A 207 17.15 -5.62 12.45
C HIS A 207 17.59 -6.93 13.09
N GLU A 208 16.92 -8.02 12.72
CA GLU A 208 17.25 -9.32 13.28
C GLU A 208 18.62 -9.77 12.81
N LEU A 209 19.04 -9.30 11.64
CA LEU A 209 20.37 -9.59 11.13
C LEU A 209 21.43 -8.91 11.98
N LYS A 210 21.07 -7.77 12.56
CA LYS A 210 21.99 -7.01 13.40
C LYS A 210 22.10 -7.61 14.80
N LYS A 211 21.36 -8.69 15.03
CA LYS A 211 21.42 -9.39 16.31
C LYS A 211 22.31 -10.63 16.20
N ASP A 212 22.80 -10.89 14.99
CA ASP A 212 23.66 -12.05 14.73
C ASP A 212 25.02 -11.62 14.19
N LEU A 213 25.14 -10.34 13.86
CA LEU A 213 26.38 -9.78 13.32
C LEU A 213 27.12 -8.91 14.31
N ILE A 214 28.39 -9.24 14.51
CA ILE A 214 29.25 -8.52 15.46
C ILE A 214 30.29 -7.67 14.76
N GLY A 215 30.43 -6.43 15.19
CA GLY A 215 31.43 -5.53 14.64
C GLY A 215 30.89 -4.72 13.49
N ILE A 216 29.61 -4.36 13.59
CA ILE A 216 28.98 -3.50 12.61
C ILE A 216 28.69 -2.11 13.20
N ASP A 217 27.54 -2.00 13.85
CA ASP A 217 27.12 -0.75 14.50
C ASP A 217 27.11 0.44 13.54
N LEU A 219 23.77 -1.03 11.28
CA LEU A 219 23.46 -1.30 9.88
C LEU A 219 22.05 -0.81 9.54
N VAL A 220 21.45 -0.04 10.44
CA VAL A 220 20.07 0.41 10.27
C VAL A 220 19.97 1.80 9.63
N VAL A 221 20.45 1.91 8.41
CA VAL A 221 20.30 3.15 7.64
C VAL A 221 18.92 3.15 6.97
N PRO A 222 18.20 4.28 7.08
CA PRO A 222 16.86 4.40 6.48
C PRO A 222 16.85 4.08 4.99
N GLY A 223 17.90 4.47 4.28
CA GLY A 223 18.01 4.20 2.86
C GLY A 223 18.77 2.92 2.57
N ARG A 224 18.40 1.85 3.26
CA ARG A 224 19.08 0.57 3.08
C ARG A 224 18.09 -0.58 3.07
N GLU A 225 18.26 -1.47 2.10
CA GLU A 225 17.42 -2.65 1.99
C GLU A 225 18.27 -3.91 2.07
N PHE A 226 17.61 -5.07 2.19
CA PHE A 226 18.31 -6.35 2.28
C PHE A 226 18.09 -7.18 1.01
N ILE A 227 19.17 -7.67 0.42
CA ILE A 227 19.08 -8.46 -0.80
C ILE A 227 19.05 -9.96 -0.50
N ARG A 228 20.16 -10.49 -0.02
CA ARG A 228 20.25 -11.91 0.30
C ARG A 228 21.46 -12.19 1.16
N LEU A 229 21.51 -13.39 1.73
CA LEU A 229 22.68 -13.83 2.48
C LEU A 229 22.90 -15.31 2.27
N GLY A 230 24.09 -15.80 2.60
CA GLY A 230 24.41 -17.20 2.39
C GLY A 230 25.88 -17.51 2.56
N SER A 231 26.23 -18.79 2.43
CA SER A 231 27.61 -19.22 2.60
C SER A 231 28.35 -19.33 1.28
N LEU A 232 29.52 -18.70 1.21
CA LEU A 232 30.36 -18.72 0.01
C LEU A 232 31.83 -18.88 0.39
N SER A 233 32.38 -20.06 0.11
CA SER A 233 33.76 -20.36 0.46
C SER A 233 34.76 -19.40 -0.16
N LYS A 234 35.08 -18.33 0.56
CA LYS A 234 36.01 -17.32 0.06
C LYS A 234 37.43 -17.87 -0.08
N LEU A 235 38.11 -17.48 -1.17
CA LEU A 235 39.48 -17.88 -1.43
C LEU A 235 40.47 -17.01 -0.66
N SER A 236 41.52 -17.62 -0.16
CA SER A 236 42.60 -16.90 0.50
C SER A 236 43.93 -17.51 0.09
N GLY A 237 45.02 -16.88 0.50
CA GLY A 237 46.35 -17.39 0.21
C GLY A 237 46.52 -18.79 0.75
N LYS A 238 45.97 -19.02 1.94
CA LYS A 238 46.04 -20.31 2.59
C LYS A 238 45.35 -21.39 1.76
N GLY A 239 44.02 -21.39 1.81
CA GLY A 239 43.23 -22.32 1.02
C GLY A 239 41.93 -21.69 0.63
N LEU A 240 40.83 -22.43 0.83
CA LEU A 240 39.50 -21.83 0.71
C LEU A 240 38.93 -21.64 2.12
N GLN A 241 38.29 -20.50 2.34
CA GLN A 241 37.73 -20.19 3.65
C GLN A 241 36.25 -19.86 3.56
N GLN A 242 35.42 -20.79 4.03
CA GLN A 242 33.97 -20.58 4.05
C GLN A 242 33.62 -19.42 5.00
N ARG A 243 33.06 -18.36 4.45
CA ARG A 243 32.63 -17.22 5.25
C ARG A 243 31.20 -16.86 4.90
N MET A 244 30.54 -16.14 5.79
CA MET A 244 29.18 -15.69 5.54
C MET A 244 29.14 -14.35 4.81
N PHE A 245 28.23 -14.22 3.86
CA PHE A 245 28.14 -13.03 3.03
C PHE A 245 26.74 -12.45 3.08
N PHE A 246 26.66 -11.16 3.40
CA PHE A 246 25.36 -10.49 3.55
C PHE A 246 25.24 -9.33 2.58
N LEU A 247 24.87 -9.62 1.34
CA LEU A 247 24.72 -8.59 0.33
C LEU A 247 23.50 -7.70 0.62
N PHE A 248 23.75 -6.43 0.92
CA PHE A 248 22.67 -5.49 1.15
C PHE A 248 22.45 -4.64 -0.09
N ASN A 249 21.64 -3.59 0.08
CA ASN A 249 21.35 -2.66 -1.00
C ASN A 249 22.61 -1.94 -1.47
N ASP A 250 23.34 -1.35 -0.52
CA ASP A 250 24.52 -0.58 -0.86
C ASP A 250 25.82 -1.36 -0.65
N VAL A 251 25.88 -2.15 0.41
CA VAL A 251 27.12 -2.81 0.80
C VAL A 251 27.01 -4.33 0.93
N LEU A 252 27.94 -5.04 0.31
CA LEU A 252 28.13 -6.46 0.56
C LEU A 252 29.23 -6.65 1.59
N LEU A 253 28.88 -7.17 2.76
CA LEU A 253 29.87 -7.43 3.81
C LEU A 253 29.97 -8.91 4.14
N TYR A 254 31.07 -9.28 4.79
CA TYR A 254 31.34 -10.69 5.08
C TYR A 254 32.00 -10.95 6.43
N THR A 255 31.88 -12.18 6.91
CA THR A 255 32.32 -12.55 8.25
C THR A 255 33.75 -13.07 8.24
N SER A 256 34.23 -13.50 9.41
CA SER A 256 35.59 -14.01 9.59
C SER A 256 35.56 -15.40 10.21
N ARG A 257 34.40 -16.07 10.14
CA ARG A 257 34.21 -17.40 10.73
C ARG A 257 34.50 -17.42 12.23
N SER A 262 32.78 -15.73 18.34
CA SER A 262 32.70 -15.94 19.78
C SER A 262 31.32 -16.49 20.15
N ASN A 263 30.30 -15.70 19.87
CA ASN A 263 28.92 -16.12 20.07
C ASN A 263 28.16 -15.91 18.77
N GLN A 264 28.43 -14.77 18.13
CA GLN A 264 27.77 -14.43 16.88
C GLN A 264 28.77 -14.35 15.73
N PHE A 265 28.34 -13.75 14.61
CA PHE A 265 29.18 -13.62 13.42
C PHE A 265 29.94 -12.30 13.37
N LYS A 266 31.26 -12.36 13.49
CA LYS A 266 32.10 -11.16 13.54
C LYS A 266 32.51 -10.66 12.17
N VAL A 267 31.95 -9.52 11.76
CA VAL A 267 32.20 -8.95 10.43
C VAL A 267 33.67 -8.68 10.17
N HIS A 268 34.12 -9.03 8.98
CA HIS A 268 35.49 -8.74 8.57
C HIS A 268 35.55 -7.36 7.92
N GLY A 269 35.24 -7.32 6.63
CA GLY A 269 35.27 -6.07 5.88
C GLY A 269 34.00 -5.82 5.10
N GLN A 270 33.92 -4.63 4.48
CA GLN A 270 32.77 -4.23 3.69
C GLN A 270 33.19 -3.92 2.26
N LEU A 271 32.26 -4.09 1.32
CA LEU A 271 32.54 -3.84 -0.09
C LEU A 271 31.38 -3.07 -0.76
N PRO A 272 31.38 -1.73 -0.62
CA PRO A 272 30.34 -0.89 -1.22
C PRO A 272 30.16 -1.18 -2.70
N LEU A 273 28.94 -1.55 -3.08
CA LEU A 273 28.64 -2.02 -4.43
C LEU A 273 29.05 -1.03 -5.52
N TYR A 274 28.25 0.00 -5.72
CA TYR A 274 28.50 0.97 -6.79
C TYR A 274 29.81 1.74 -6.57
N GLY A 275 30.75 1.59 -7.49
CA GLY A 275 30.57 0.71 -8.63
C GLY A 275 31.64 -0.35 -8.69
N MET A 276 31.23 -1.62 -8.75
CA MET A 276 32.18 -2.73 -8.86
C MET A 276 31.89 -3.62 -10.05
N THR A 277 32.87 -4.46 -10.39
CA THR A 277 32.75 -5.37 -11.52
C THR A 277 32.96 -6.82 -11.07
N ILE A 278 32.00 -7.68 -11.40
CA ILE A 278 32.07 -9.09 -11.06
C ILE A 278 32.21 -9.93 -12.33
N GLU A 279 33.21 -10.82 -12.35
CA GLU A 279 33.44 -11.68 -13.50
C GLU A 279 33.73 -13.11 -13.08
N GLU A 280 33.61 -14.04 -14.03
CA GLU A 280 33.84 -15.45 -13.77
C GLU A 280 35.33 -15.73 -13.58
N SER A 281 35.67 -16.91 -13.09
CA SER A 281 37.07 -17.22 -12.80
C SER A 281 37.44 -18.69 -12.93
N GLU A 282 38.73 -18.94 -13.04
CA GLU A 282 39.25 -20.28 -13.26
C GLU A 282 40.53 -20.55 -12.46
N ASP A 283 41.21 -19.49 -12.03
CA ASP A 283 42.44 -19.64 -11.26
C ASP A 283 42.18 -20.24 -9.87
N PRO A 288 37.64 -23.51 -10.10
CA PRO A 288 36.95 -23.95 -8.89
C PRO A 288 35.44 -23.60 -8.90
N HIS A 289 34.85 -23.47 -10.09
CA HIS A 289 33.44 -23.09 -10.25
C HIS A 289 33.04 -21.81 -9.48
N CYS A 290 33.79 -20.74 -9.72
CA CYS A 290 33.71 -19.53 -8.90
C CYS A 290 33.62 -18.22 -9.70
N LEU A 291 33.88 -17.11 -8.99
CA LEU A 291 33.87 -15.77 -9.59
C LEU A 291 34.54 -14.75 -8.66
N THR A 292 35.18 -13.74 -9.25
CA THR A 292 35.82 -12.65 -8.51
C THR A 292 34.91 -11.43 -8.41
N LEU A 293 35.26 -10.55 -7.48
CA LEU A 293 34.51 -9.32 -7.30
C LEU A 293 35.46 -8.15 -7.13
N ARG A 294 35.75 -7.47 -8.24
CA ARG A 294 36.66 -6.32 -8.23
C ARG A 294 35.91 -5.05 -7.90
N GLY A 295 36.13 -4.53 -6.69
CA GLY A 295 35.50 -3.30 -6.26
C GLY A 295 36.39 -2.11 -6.54
N GLN A 296 35.82 -0.91 -6.51
CA GLN A 296 36.60 0.31 -6.73
C GLN A 296 37.64 0.46 -5.62
N ARG A 297 37.33 -0.07 -4.44
CA ARG A 297 38.28 -0.08 -3.33
C ARG A 297 39.04 -1.39 -3.29
N GLN A 298 38.49 -2.37 -2.59
CA GLN A 298 39.12 -3.68 -2.45
C GLN A 298 38.48 -4.71 -3.39
N SER A 299 39.20 -5.81 -3.62
CA SER A 299 38.71 -6.87 -4.49
C SER A 299 38.97 -8.25 -3.89
N ILE A 300 37.99 -9.15 -4.02
CA ILE A 300 38.12 -10.50 -3.47
C ILE A 300 37.65 -11.58 -4.45
N ILE A 301 38.15 -12.80 -4.26
CA ILE A 301 37.72 -13.94 -5.07
C ILE A 301 36.86 -14.88 -4.25
N VAL A 302 35.66 -15.15 -4.74
CA VAL A 302 34.71 -15.96 -4.01
C VAL A 302 34.43 -17.27 -4.74
N ALA A 303 34.53 -18.39 -4.02
CA ALA A 303 34.20 -19.68 -4.60
C ALA A 303 32.79 -20.10 -4.21
N ALA A 304 32.03 -20.55 -5.20
CA ALA A 304 30.64 -20.93 -4.99
C ALA A 304 30.53 -22.28 -4.30
N SER A 305 29.30 -22.71 -4.07
CA SER A 305 29.03 -23.99 -3.45
C SER A 305 28.64 -25.00 -4.53
N SER A 306 28.10 -24.49 -5.62
CA SER A 306 27.73 -25.34 -6.75
C SER A 306 27.90 -24.58 -8.06
N ARG A 307 26.95 -24.77 -8.96
CA ARG A 307 26.93 -24.03 -10.20
C ARG A 307 25.83 -22.99 -10.13
N SER A 308 24.71 -23.37 -9.51
CA SER A 308 23.58 -22.46 -9.40
C SER A 308 23.59 -21.74 -8.05
N GLU A 309 24.61 -22.00 -7.25
CA GLU A 309 24.85 -21.19 -6.06
C GLU A 309 25.62 -19.95 -6.50
N MET A 310 26.46 -20.12 -7.51
CA MET A 310 27.15 -19.00 -8.15
C MET A 310 26.14 -18.19 -8.94
N GLU A 311 25.47 -18.85 -9.88
CA GLU A 311 24.52 -18.19 -10.77
C GLU A 311 23.41 -17.48 -10.02
N LYS A 312 23.10 -17.95 -8.82
CA LYS A 312 22.14 -17.25 -7.98
C LYS A 312 22.78 -15.99 -7.40
N TRP A 313 23.99 -16.15 -6.86
CA TRP A 313 24.69 -15.03 -6.22
C TRP A 313 25.07 -13.92 -7.20
N VAL A 314 25.31 -14.28 -8.45
CA VAL A 314 25.74 -13.31 -9.45
C VAL A 314 24.62 -12.34 -9.77
N GLU A 315 23.46 -12.87 -10.15
CA GLU A 315 22.32 -12.04 -10.54
C GLU A 315 21.82 -11.17 -9.40
N ASP A 316 21.91 -11.67 -8.17
CA ASP A 316 21.52 -10.87 -7.01
C ASP A 316 22.50 -9.72 -6.81
N ILE A 317 23.76 -9.95 -7.14
CA ILE A 317 24.79 -8.94 -6.96
C ILE A 317 24.72 -7.84 -8.02
N GLN A 318 24.84 -8.21 -9.28
CA GLN A 318 24.83 -7.22 -10.37
C GLN A 318 23.53 -6.42 -10.44
N MET A 319 22.42 -7.05 -10.05
CA MET A 319 21.12 -6.39 -10.11
C MET A 319 20.98 -5.40 -8.97
N ALA A 320 21.83 -5.57 -7.96
CA ALA A 320 21.88 -4.65 -6.82
C ALA A 320 22.95 -3.59 -7.07
N ILE A 321 23.81 -3.83 -8.06
CA ILE A 321 24.81 -2.87 -8.47
C ILE A 321 24.20 -1.93 -9.50
N ASP A 322 23.55 -2.51 -10.50
CA ASP A 322 22.90 -1.75 -11.55
C ASP A 322 21.77 -0.90 -10.97
N LEU A 323 21.08 -1.42 -9.97
CA LEU A 323 20.00 -0.68 -9.31
C LEU A 323 20.57 0.37 -8.35
N ALA A 324 21.85 0.23 -8.02
CA ALA A 324 22.53 1.22 -7.18
C ALA A 324 23.07 2.35 -8.03
N GLU A 325 22.19 2.95 -8.83
CA GLU A 325 22.57 4.03 -9.73
C GLU A 325 21.37 4.91 -10.07
N THR A 376 18.91 -19.11 13.92
CA THR A 376 18.44 -18.27 12.82
C THR A 376 18.70 -18.96 11.49
N MET A 377 18.22 -18.37 10.39
CA MET A 377 18.52 -18.89 9.06
C MET A 377 19.99 -18.65 8.70
N VAL A 378 20.67 -17.86 9.52
CA VAL A 378 22.07 -17.52 9.28
C VAL A 378 22.94 -18.72 9.58
N HIS A 379 22.70 -19.32 10.74
CA HIS A 379 23.48 -20.47 11.19
C HIS A 379 23.18 -21.70 10.33
N VAL A 380 21.93 -21.79 9.85
CA VAL A 380 21.52 -22.90 8.99
C VAL A 380 22.21 -22.82 7.64
N CYS A 381 22.24 -21.62 7.09
CA CYS A 381 22.90 -21.36 5.81
C CYS A 381 24.39 -21.61 5.92
N TRP A 382 24.99 -21.07 6.97
CA TRP A 382 26.43 -21.20 7.19
C TRP A 382 26.83 -22.66 7.33
N HIS A 383 25.99 -23.44 8.01
CA HIS A 383 26.33 -24.83 8.30
C HIS A 383 25.96 -25.79 7.16
N ARG A 384 25.22 -25.29 6.17
CA ARG A 384 24.81 -26.13 5.05
C ARG A 384 25.27 -25.60 3.69
N ASN A 385 25.87 -24.42 3.68
CA ASN A 385 26.34 -23.76 2.45
C ASN A 385 25.25 -23.44 1.44
N THR A 386 24.24 -22.72 1.87
CA THR A 386 23.14 -22.31 1.01
C THR A 386 22.87 -20.83 1.24
N SER A 387 22.20 -20.19 0.29
CA SER A 387 21.86 -18.78 0.40
C SER A 387 20.35 -18.57 0.55
N VAL A 388 19.98 -17.45 1.14
CA VAL A 388 18.57 -17.10 1.36
C VAL A 388 18.35 -15.64 1.01
N SER A 389 17.30 -15.36 0.24
CA SER A 389 17.04 -14.00 -0.21
C SER A 389 15.75 -13.45 0.35
N MET A 390 15.56 -12.15 0.18
CA MET A 390 14.27 -11.53 0.43
C MET A 390 13.29 -12.14 -0.55
N VAL A 391 13.81 -12.41 -1.75
CA VAL A 391 13.07 -13.13 -2.77
C VAL A 391 12.61 -14.46 -2.21
N ASP A 392 13.50 -15.11 -1.46
CA ASP A 392 13.21 -16.40 -0.86
C ASP A 392 12.30 -16.29 0.36
N PHE A 393 12.47 -15.23 1.13
CA PHE A 393 11.71 -15.05 2.37
C PHE A 393 10.22 -14.89 2.13
N SER A 394 9.86 -14.14 1.09
CA SER A 394 8.46 -13.91 0.79
C SER A 394 7.79 -15.18 0.27
N ILE A 395 8.61 -16.09 -0.27
CA ILE A 395 8.10 -17.35 -0.81
C ILE A 395 7.63 -18.32 0.28
N ALA A 396 8.46 -18.48 1.32
CA ALA A 396 8.13 -19.39 2.41
C ALA A 396 7.13 -18.76 3.39
N VAL A 397 6.58 -17.61 3.01
CA VAL A 397 5.51 -16.96 3.76
C VAL A 397 4.17 -17.20 3.06
N GLU A 398 4.18 -17.16 1.74
CA GLU A 398 2.98 -17.48 0.97
C GLU A 398 2.74 -18.99 1.02
N ASN A 399 3.76 -19.72 1.46
CA ASN A 399 3.69 -21.18 1.60
C ASN A 399 3.63 -21.62 3.06
N GLN A 400 2.82 -20.95 3.87
CA GLN A 400 2.62 -21.34 5.26
C GLN A 400 1.42 -22.28 5.37
N LEU A 401 1.64 -23.46 5.93
CA LEU A 401 0.62 -24.50 5.98
C LEU A 401 0.74 -25.33 7.24
N SER A 402 -0.25 -25.23 8.11
CA SER A 402 -0.28 -26.00 9.35
C SER A 402 -1.34 -27.11 9.24
N GLY A 403 -1.28 -28.06 10.17
CA GLY A 403 -2.21 -29.17 10.15
C GLY A 403 -1.64 -30.43 10.75
N ASN A 404 -2.36 -31.53 10.58
CA ASN A 404 -1.98 -32.79 11.17
C ASN A 404 -1.42 -33.77 10.14
N LEU A 405 -0.39 -34.51 10.54
CA LEU A 405 0.09 -35.67 9.78
C LEU A 405 0.98 -36.57 10.65
N LEU A 406 1.33 -37.73 10.11
CA LEU A 406 2.05 -38.74 10.89
C LEU A 406 3.50 -38.91 10.44
N ARG A 407 4.38 -39.16 11.41
CA ARG A 407 5.82 -39.18 11.16
C ARG A 407 6.55 -40.32 11.88
N LYS A 408 7.41 -41.02 11.14
CA LYS A 408 8.28 -42.04 11.70
C LYS A 408 9.42 -42.33 10.74
N PHE A 409 10.45 -43.01 11.21
CA PHE A 409 11.57 -43.37 10.34
C PHE A 409 11.46 -44.86 10.02
N LYS A 410 12.61 -45.52 9.84
CA LYS A 410 12.64 -46.96 9.65
C LYS A 410 13.29 -47.64 10.87
N TRP A 415 4.33 -45.32 13.21
CA TRP A 415 3.82 -43.97 13.02
C TRP A 415 3.60 -43.23 14.33
N GLN A 416 4.09 -42.00 14.39
CA GLN A 416 3.75 -41.08 15.47
C GLN A 416 2.82 -40.02 14.89
N LYS A 417 1.77 -39.66 15.63
CA LYS A 417 0.78 -38.71 15.14
C LYS A 417 0.88 -37.38 15.87
N LEU A 418 1.15 -36.31 15.12
CA LEU A 418 1.36 -35.00 15.75
C LEU A 418 0.93 -33.80 14.93
N TRP A 419 0.61 -32.72 15.66
CA TRP A 419 0.25 -31.43 15.07
C TRP A 419 1.52 -30.77 14.56
N VAL A 420 1.56 -30.47 13.27
CA VAL A 420 2.76 -29.95 12.64
C VAL A 420 2.59 -28.53 12.08
N VAL A 421 3.55 -27.66 12.39
CA VAL A 421 3.53 -26.28 11.92
C VAL A 421 4.69 -26.03 10.93
N PHE A 422 4.38 -25.34 9.83
CA PHE A 422 5.38 -24.94 8.86
C PHE A 422 5.42 -23.42 8.77
N THR A 423 6.58 -22.84 9.10
CA THR A 423 6.73 -21.40 9.14
C THR A 423 8.19 -21.01 9.04
N ASN A 424 8.46 -19.90 8.38
CA ASN A 424 9.83 -19.40 8.17
C ASN A 424 10.81 -20.42 7.58
N PHE A 425 10.30 -21.24 6.66
CA PHE A 425 11.06 -22.32 6.03
C PHE A 425 11.61 -23.32 7.04
N CYS A 426 10.72 -23.76 7.94
CA CYS A 426 11.07 -24.65 9.02
C CYS A 426 9.86 -25.42 9.51
N LEU A 427 10.09 -26.66 9.90
CA LEU A 427 9.05 -27.49 10.48
C LEU A 427 9.02 -27.38 11.99
N PHE A 428 7.82 -27.44 12.55
CA PHE A 428 7.65 -27.39 13.99
C PHE A 428 6.69 -28.50 14.42
N PHE A 429 7.11 -29.25 15.43
CA PHE A 429 6.33 -30.39 15.89
C PHE A 429 5.66 -30.10 17.23
N TYR A 430 4.38 -30.43 17.32
CA TYR A 430 3.63 -30.25 18.55
C TYR A 430 3.03 -31.57 19.00
N LYS A 431 2.87 -31.73 20.30
CA LYS A 431 2.25 -32.93 20.86
C LYS A 431 0.82 -33.06 20.34
N SER A 432 0.01 -32.05 20.60
CA SER A 432 -1.38 -32.04 20.14
C SER A 432 -1.75 -30.66 19.61
N HIS A 433 -2.98 -30.56 19.10
CA HIS A 433 -3.51 -29.31 18.55
C HIS A 433 -3.43 -28.14 19.54
N GLN A 434 -4.00 -28.32 20.72
CA GLN A 434 -4.12 -27.23 21.69
C GLN A 434 -2.87 -27.05 22.56
N ASP A 435 -1.69 -27.29 22.00
CA ASP A 435 -0.45 -27.06 22.73
C ASP A 435 -0.03 -25.60 22.68
N ASN A 436 1.10 -25.31 23.30
CA ASN A 436 1.72 -23.99 23.23
C ASN A 436 3.23 -24.12 23.48
N HIS A 437 3.79 -25.23 23.02
CA HIS A 437 5.18 -25.58 23.26
C HIS A 437 5.62 -26.61 22.23
N PRO A 438 6.55 -26.23 21.33
CA PRO A 438 7.04 -27.12 20.28
C PRO A 438 7.84 -28.31 20.83
N LEU A 439 7.47 -29.52 20.41
CA LEU A 439 8.19 -30.72 20.82
C LEU A 439 9.58 -30.75 20.19
N ALA A 440 9.64 -30.42 18.91
CA ALA A 440 10.90 -30.36 18.16
C ALA A 440 10.72 -29.52 16.90
N SER A 441 11.82 -29.21 16.22
CA SER A 441 11.76 -28.37 15.02
C SER A 441 12.71 -28.85 13.93
N LEU A 442 12.18 -29.03 12.72
CA LEU A 442 12.99 -29.51 11.60
C LEU A 442 13.32 -28.39 10.61
N PRO A 443 14.60 -28.00 10.55
CA PRO A 443 15.10 -26.96 9.63
C PRO A 443 15.19 -27.50 8.21
N LEU A 444 14.29 -27.05 7.33
CA LEU A 444 14.13 -27.66 6.02
C LEU A 444 14.96 -27.06 4.90
N LEU A 445 16.22 -26.74 5.18
CA LEU A 445 17.10 -26.23 4.13
C LEU A 445 18.02 -27.34 3.62
N GLY A 446 18.03 -27.54 2.31
CA GLY A 446 18.87 -28.56 1.71
C GLY A 446 18.18 -29.91 1.64
N TYR A 447 17.09 -30.05 2.38
CA TYR A 447 16.31 -31.29 2.35
C TYR A 447 15.68 -31.48 0.98
N SER A 448 15.62 -32.72 0.51
CA SER A 448 15.00 -33.01 -0.77
C SER A 448 13.66 -33.73 -0.57
N LEU A 449 12.66 -33.37 -1.36
CA LEU A 449 11.35 -33.97 -1.24
C LEU A 449 11.12 -35.07 -2.27
N THR A 450 10.73 -36.24 -1.80
CA THR A 450 10.49 -37.40 -2.68
C THR A 450 9.32 -38.24 -2.20
N ILE A 451 8.95 -39.26 -2.98
CA ILE A 451 7.90 -40.18 -2.57
C ILE A 451 8.33 -41.64 -2.65
N TYR A 462 -0.86 -41.72 0.83
CA TYR A 462 -0.59 -40.29 0.90
C TYR A 462 0.62 -40.00 1.77
N VAL A 463 1.82 -40.31 1.26
CA VAL A 463 3.04 -40.17 2.05
C VAL A 463 4.23 -39.64 1.24
N PHE A 464 4.88 -38.62 1.76
CA PHE A 464 6.11 -38.08 1.18
C PHE A 464 7.29 -38.27 2.12
N LYS A 465 8.50 -38.03 1.61
CA LYS A 465 9.73 -38.31 2.34
C LYS A 465 10.74 -37.18 2.20
N LEU A 466 11.21 -36.66 3.32
CA LEU A 466 12.20 -35.59 3.30
C LEU A 466 13.61 -36.11 3.52
N HIS A 467 14.30 -36.36 2.42
CA HIS A 467 15.64 -36.94 2.47
C HIS A 467 16.72 -35.86 2.55
N PHE A 468 17.74 -36.13 3.36
CA PHE A 468 18.88 -35.22 3.49
C PHE A 468 20.09 -35.91 4.11
N LYS A 469 21.16 -36.02 3.34
CA LYS A 469 22.42 -36.59 3.81
C LYS A 469 22.22 -37.92 4.52
N SER A 470 22.06 -37.87 5.85
CA SER A 470 21.84 -39.08 6.64
C SER A 470 20.46 -39.08 7.29
N HIS A 471 19.95 -37.88 7.56
CA HIS A 471 18.67 -37.73 8.26
C HIS A 471 17.51 -37.91 7.28
N VAL A 472 16.66 -38.90 7.53
CA VAL A 472 15.55 -39.19 6.64
C VAL A 472 14.23 -39.31 7.40
N TYR A 473 13.23 -38.53 6.99
CA TYR A 473 11.94 -38.51 7.68
C TYR A 473 10.81 -38.86 6.71
N TYR A 474 9.82 -39.58 7.22
CA TYR A 474 8.66 -39.94 6.40
C TYR A 474 7.42 -39.26 6.95
N PHE A 475 6.55 -38.78 6.06
CA PHE A 475 5.37 -38.03 6.47
C PHE A 475 4.12 -38.50 5.74
N ARG A 476 3.13 -38.98 6.49
CA ARG A 476 1.87 -39.42 5.90
C ARG A 476 0.77 -38.39 6.16
N ALA A 477 0.24 -37.82 5.08
CA ALA A 477 -0.81 -36.79 5.20
C ALA A 477 -2.19 -37.41 5.35
N GLU A 478 -3.12 -36.65 5.91
CA GLU A 478 -4.43 -37.18 6.27
C GLU A 478 -5.48 -37.16 5.16
N SER A 479 -5.14 -36.62 4.00
CA SER A 479 -6.09 -36.52 2.90
C SER A 479 -5.45 -36.66 1.54
N GLU A 480 -6.23 -36.40 0.49
CA GLU A 480 -5.72 -36.44 -0.87
C GLU A 480 -5.35 -35.04 -1.32
N TYR A 481 -6.12 -34.06 -0.88
CA TYR A 481 -5.83 -32.66 -1.18
C TYR A 481 -4.79 -32.12 -0.21
N THR A 482 -4.81 -32.62 1.02
CA THR A 482 -3.88 -32.14 2.03
C THR A 482 -2.49 -32.74 1.81
N PHE A 483 -2.43 -33.84 1.06
CA PHE A 483 -1.16 -34.44 0.68
C PHE A 483 -0.55 -33.68 -0.49
N GLU A 484 -1.41 -33.15 -1.35
CA GLU A 484 -0.99 -32.27 -2.44
C GLU A 484 -0.53 -30.93 -1.86
N ARG A 485 -1.35 -30.37 -0.98
CA ARG A 485 -1.08 -29.07 -0.39
C ARG A 485 0.16 -29.07 0.52
N TRP A 486 0.43 -30.20 1.17
CA TRP A 486 1.60 -30.29 2.05
C TRP A 486 2.91 -30.21 1.28
N MET A 487 3.02 -31.03 0.22
CA MET A 487 4.20 -30.98 -0.64
C MET A 487 4.24 -29.66 -1.40
N GLU A 488 3.07 -29.06 -1.59
CA GLU A 488 2.95 -27.78 -2.30
C GLU A 488 3.76 -26.68 -1.62
N VAL A 489 3.73 -26.67 -0.29
CA VAL A 489 4.43 -25.65 0.47
C VAL A 489 5.84 -26.08 0.81
N ILE A 490 6.06 -27.39 0.89
CA ILE A 490 7.36 -27.90 1.28
C ILE A 490 8.34 -27.91 0.10
N ARG A 491 7.89 -28.40 -1.04
CA ARG A 491 8.74 -28.47 -2.22
C ARG A 491 9.15 -27.07 -2.69
N SER A 492 8.29 -26.09 -2.41
CA SER A 492 8.54 -24.72 -2.82
C SER A 492 9.43 -23.98 -1.85
N ALA A 493 9.77 -24.65 -0.75
CA ALA A 493 10.62 -24.05 0.26
C ALA A 493 11.89 -24.86 0.50
N THR A 494 11.91 -26.09 0.04
CA THR A 494 13.06 -26.98 0.25
C THR A 494 14.02 -27.05 -0.93
N SER A 495 13.69 -27.89 -1.90
CA SER A 495 14.54 -28.12 -3.05
C SER A 495 14.36 -27.07 -4.15
N SER A 496 13.13 -26.92 -4.63
CA SER A 496 12.84 -25.97 -5.70
C SER A 496 11.82 -24.93 -5.27
N MET B 4 5.76 13.80 -36.74
CA MET B 4 4.48 13.11 -36.85
C MET B 4 4.58 11.63 -36.44
N ASP B 5 4.84 11.39 -35.16
CA ASP B 5 4.87 10.05 -34.59
C ASP B 5 4.12 10.03 -33.26
N LYS B 6 3.41 8.94 -32.98
CA LYS B 6 2.53 8.86 -31.81
C LYS B 6 3.29 8.88 -30.48
N ALA B 7 4.54 8.44 -30.50
CA ALA B 7 5.36 8.37 -29.30
C ALA B 7 5.82 9.76 -28.86
N TYR B 8 6.22 10.58 -29.83
CA TYR B 8 6.73 11.91 -29.57
C TYR B 8 5.60 12.92 -29.32
N PHE B 9 4.41 12.42 -29.00
CA PHE B 9 3.29 13.28 -28.65
C PHE B 9 2.88 12.98 -27.20
N ILE B 10 3.27 11.80 -26.74
CA ILE B 10 3.14 11.43 -25.34
C ILE B 10 4.10 12.27 -24.48
N ALA B 11 5.30 12.49 -25.01
CA ALA B 11 6.31 13.27 -24.30
C ALA B 11 5.84 14.71 -24.08
N LYS B 12 4.93 15.16 -24.94
CA LYS B 12 4.33 16.48 -24.80
C LYS B 12 3.42 16.50 -23.58
N GLU B 13 2.68 15.42 -23.38
CA GLU B 13 1.83 15.27 -22.21
C GLU B 13 2.68 15.24 -20.95
N VAL B 14 3.76 14.46 -20.99
CA VAL B 14 4.64 14.32 -19.84
C VAL B 14 5.24 15.67 -19.47
N SER B 15 5.76 16.37 -20.47
CA SER B 15 6.39 17.66 -20.25
C SER B 15 5.41 18.68 -19.69
N THR B 16 4.29 18.87 -20.37
CA THR B 16 3.31 19.88 -19.99
C THR B 16 2.72 19.64 -18.60
N THR B 17 2.44 18.39 -18.28
CA THR B 17 1.88 18.04 -16.98
C THR B 17 2.93 18.15 -15.88
N GLU B 18 4.20 17.93 -16.23
CA GLU B 18 5.29 18.06 -15.28
C GLU B 18 5.53 19.54 -14.96
N ARG B 19 5.23 20.39 -15.94
CA ARG B 19 5.39 21.83 -15.78
C ARG B 19 4.42 22.38 -14.74
N THR B 20 3.19 21.87 -14.74
CA THR B 20 2.19 22.28 -13.77
C THR B 20 2.31 21.49 -12.47
N TYR B 21 3.06 20.39 -12.52
CA TYR B 21 3.37 19.64 -11.30
C TYR B 21 4.28 20.48 -10.43
N LEU B 22 5.37 20.97 -11.04
CA LEU B 22 6.32 21.82 -10.35
C LEU B 22 5.63 23.09 -9.87
N LYS B 23 4.70 23.59 -10.69
CA LYS B 23 3.94 24.76 -10.31
C LYS B 23 3.21 24.49 -9.00
N ASP B 24 2.66 23.29 -8.87
CA ASP B 24 1.96 22.90 -7.65
C ASP B 24 2.91 22.72 -6.47
N LEU B 25 4.12 22.23 -6.75
CA LEU B 25 5.14 22.11 -5.71
C LEU B 25 5.59 23.50 -5.28
N GLU B 26 5.68 24.39 -6.25
CA GLU B 26 6.05 25.78 -5.98
C GLU B 26 4.98 26.47 -5.15
N VAL B 27 3.76 25.92 -5.15
CA VAL B 27 2.71 26.46 -4.31
C VAL B 27 3.04 26.20 -2.84
N ILE B 28 3.82 25.15 -2.60
CA ILE B 28 4.20 24.81 -1.23
C ILE B 28 5.67 25.12 -0.92
N THR B 29 6.57 24.57 -1.73
CA THR B 29 8.00 24.73 -1.47
C THR B 29 8.45 26.17 -1.65
N SER B 30 7.83 26.85 -2.60
CA SER B 30 8.20 28.24 -2.89
C SER B 30 7.23 29.25 -2.31
N TRP B 31 5.99 29.23 -2.78
CA TRP B 31 5.00 30.23 -2.38
C TRP B 31 4.61 30.14 -0.92
N PHE B 32 4.16 28.96 -0.48
CA PHE B 32 3.72 28.78 0.90
C PHE B 32 4.85 29.01 1.88
N GLN B 33 6.07 28.61 1.52
CA GLN B 33 7.22 28.77 2.39
C GLN B 33 7.59 30.25 2.59
N SER B 34 7.18 31.10 1.65
CA SER B 34 7.42 32.53 1.75
C SER B 34 6.57 33.14 2.87
N THR B 35 5.38 32.58 3.06
CA THR B 35 4.47 33.03 4.11
C THR B 35 4.61 32.15 5.35
N VAL B 36 5.62 31.29 5.33
CA VAL B 36 5.95 30.47 6.49
C VAL B 36 6.96 31.20 7.35
N SER B 37 8.05 31.65 6.72
CA SER B 37 9.10 32.34 7.44
C SER B 37 8.66 33.75 7.83
N LYS B 38 7.89 34.39 6.94
CA LYS B 38 7.44 35.75 7.16
C LYS B 38 6.51 35.87 8.37
N GLU B 39 5.78 34.79 8.66
CA GLU B 39 4.83 34.78 9.76
C GLU B 39 5.41 34.18 11.04
N ASP B 40 6.07 33.03 10.89
CA ASP B 40 6.60 32.27 12.02
C ASP B 40 5.48 31.94 13.02
N ALA B 41 4.40 31.38 12.49
CA ALA B 41 3.24 31.01 13.31
C ALA B 41 3.22 29.52 13.61
N MET B 42 3.57 28.70 12.61
CA MET B 42 3.66 27.26 12.81
C MET B 42 5.00 26.88 13.44
N PRO B 43 4.98 26.01 14.46
CA PRO B 43 6.18 25.59 15.19
C PRO B 43 7.25 25.04 14.25
N GLU B 44 8.52 25.10 14.68
CA GLU B 44 9.62 24.63 13.86
C GLU B 44 9.78 23.11 13.95
N ALA B 45 8.70 22.45 14.38
CA ALA B 45 8.63 21.00 14.39
C ALA B 45 7.84 20.54 13.17
N LEU B 46 6.70 21.20 12.95
CA LEU B 46 5.88 20.92 11.77
C LEU B 46 6.49 21.59 10.54
N LYS B 47 7.10 22.75 10.75
CA LYS B 47 7.82 23.42 9.68
C LYS B 47 9.07 22.62 9.31
N SER B 48 9.41 21.65 10.16
CA SER B 48 10.50 20.74 9.89
C SER B 48 9.95 19.38 9.45
N LEU B 49 8.67 19.36 9.08
CA LEU B 49 8.01 18.12 8.67
C LEU B 49 7.40 18.22 7.28
N ILE B 50 6.72 19.32 7.00
CA ILE B 50 6.05 19.51 5.70
C ILE B 50 7.00 20.04 4.62
N PHE B 51 7.68 21.14 4.93
CA PHE B 51 8.58 21.78 3.97
C PHE B 51 9.87 21.01 3.64
N PRO B 52 10.58 20.47 4.67
CA PRO B 52 11.81 19.76 4.32
C PRO B 52 11.55 18.44 3.60
N ASN B 53 10.29 18.01 3.58
CA ASN B 53 9.91 16.77 2.91
C ASN B 53 9.39 17.00 1.49
N PHE B 54 9.32 18.28 1.10
CA PHE B 54 8.84 18.64 -0.23
C PHE B 54 9.90 19.33 -1.08
N GLU B 55 10.73 20.13 -0.43
CA GLU B 55 11.82 20.84 -1.12
C GLU B 55 12.76 19.93 -1.93
N PRO B 56 13.08 18.72 -1.43
CA PRO B 56 13.89 17.84 -2.28
C PRO B 56 13.16 17.39 -3.55
N LEU B 57 11.84 17.40 -3.54
CA LEU B 57 11.06 16.92 -4.67
C LEU B 57 11.05 17.91 -5.83
N HIS B 58 11.02 19.20 -5.52
CA HIS B 58 11.07 20.23 -6.56
C HIS B 58 12.45 20.31 -7.19
N LYS B 59 13.48 20.30 -6.35
CA LYS B 59 14.87 20.39 -6.83
C LYS B 59 15.29 19.14 -7.58
N PHE B 60 14.43 18.13 -7.56
CA PHE B 60 14.68 16.91 -8.32
C PHE B 60 13.90 16.95 -9.63
N HIS B 61 12.60 17.22 -9.52
CA HIS B 61 11.73 17.25 -10.69
C HIS B 61 12.09 18.39 -11.65
N THR B 62 12.72 19.44 -11.13
CA THR B 62 13.18 20.52 -11.97
C THR B 62 14.41 20.06 -12.76
N ASN B 63 15.27 19.29 -12.10
CA ASN B 63 16.44 18.72 -12.76
C ASN B 63 16.03 17.51 -13.60
N PHE B 64 14.80 17.07 -13.40
CA PHE B 64 14.21 16.03 -14.24
C PHE B 64 13.64 16.67 -15.49
N LEU B 65 12.83 17.71 -15.28
CA LEU B 65 12.14 18.37 -16.39
C LEU B 65 13.12 19.05 -17.33
N LYS B 66 14.29 19.42 -16.81
CA LYS B 66 15.34 19.99 -17.65
C LYS B 66 16.06 18.91 -18.45
N GLU B 67 15.58 17.68 -18.34
CA GLU B 67 16.11 16.55 -19.09
C GLU B 67 15.02 15.98 -19.99
N ILE B 68 13.79 16.00 -19.50
CA ILE B 68 12.63 15.60 -20.28
C ILE B 68 12.34 16.63 -21.36
N GLU B 69 12.84 17.85 -21.15
CA GLU B 69 12.69 18.92 -22.11
C GLU B 69 13.79 18.86 -23.17
N GLN B 70 15.00 18.47 -22.75
CA GLN B 70 16.13 18.45 -23.66
C GLN B 70 16.08 17.25 -24.62
N ARG B 71 15.50 16.14 -24.16
CA ARG B 71 15.33 14.97 -25.00
C ARG B 71 14.20 15.21 -25.99
N LEU B 72 13.17 15.94 -25.53
CA LEU B 72 12.03 16.27 -26.37
C LEU B 72 12.41 17.28 -27.43
N ALA B 73 13.40 18.10 -27.12
CA ALA B 73 13.91 19.09 -28.07
C ALA B 73 14.88 18.43 -29.05
N LEU B 74 15.66 17.48 -28.55
CA LEU B 74 16.61 16.75 -29.39
C LEU B 74 15.97 15.51 -30.02
N TRP B 75 14.70 15.65 -30.38
CA TRP B 75 13.97 14.56 -31.04
C TRP B 75 12.94 15.14 -32.00
N GLU B 76 12.90 16.46 -32.11
CA GLU B 76 11.97 17.13 -33.00
C GLU B 76 12.72 17.96 -34.04
N ILE B 89 11.79 8.28 -25.64
CA ILE B 89 11.65 8.72 -24.25
C ILE B 89 11.71 7.53 -23.31
N GLY B 90 12.03 6.36 -23.85
CA GLY B 90 12.12 5.15 -23.07
C GLY B 90 13.35 5.10 -22.19
N ASP B 91 14.44 5.71 -22.67
CA ASP B 91 15.70 5.73 -21.95
C ASP B 91 15.65 6.64 -20.72
N VAL B 92 14.84 7.70 -20.81
CA VAL B 92 14.77 8.70 -19.76
C VAL B 92 13.87 8.25 -18.61
N MET B 93 12.83 7.50 -18.93
CA MET B 93 11.86 7.04 -17.94
C MET B 93 12.52 6.16 -16.87
N LEU B 94 12.98 4.97 -17.26
CA LEU B 94 13.61 4.04 -16.33
C LEU B 94 14.81 4.66 -15.61
N LYS B 95 15.45 5.63 -16.26
CA LYS B 95 16.56 6.35 -15.66
C LYS B 95 16.10 7.12 -14.43
N ASN B 96 15.22 8.09 -14.63
CA ASN B 96 14.78 8.96 -13.55
C ASN B 96 13.73 8.33 -12.63
N ILE B 97 13.08 7.27 -13.08
CA ILE B 97 12.19 6.50 -12.21
C ILE B 97 13.03 5.89 -11.09
N GLN B 98 14.18 5.36 -11.47
CA GLN B 98 15.10 4.76 -10.50
C GLN B 98 15.68 5.82 -9.57
N GLY B 99 15.56 7.07 -9.97
CA GLY B 99 16.04 8.18 -9.16
C GLY B 99 15.04 8.61 -8.10
N MET B 100 13.86 8.01 -8.14
CA MET B 100 12.82 8.31 -7.17
C MET B 100 12.86 7.30 -6.02
N LYS B 101 13.87 6.44 -6.05
CA LYS B 101 14.07 5.44 -5.00
C LYS B 101 14.51 6.10 -3.70
N HIS B 102 15.32 7.16 -3.82
CA HIS B 102 15.77 7.92 -2.67
C HIS B 102 14.73 8.96 -2.28
N LEU B 103 13.52 8.80 -2.79
CA LEU B 103 12.42 9.70 -2.47
C LEU B 103 11.23 8.93 -1.92
N ALA B 104 11.42 7.62 -1.71
CA ALA B 104 10.37 6.77 -1.18
C ALA B 104 9.98 7.22 0.22
N ALA B 105 10.96 7.22 1.12
CA ALA B 105 10.75 7.62 2.52
C ALA B 105 10.09 9.00 2.66
N HIS B 106 10.38 9.90 1.72
CA HIS B 106 9.77 11.22 1.73
C HIS B 106 8.25 11.11 1.59
N LEU B 107 7.83 10.42 0.54
CA LEU B 107 6.42 10.28 0.21
C LEU B 107 5.63 9.51 1.27
N TRP B 108 6.33 8.92 2.23
CA TRP B 108 5.67 8.19 3.31
C TRP B 108 5.27 9.10 4.46
N LYS B 109 5.98 10.22 4.59
CA LYS B 109 5.79 11.13 5.71
C LYS B 109 4.67 12.16 5.46
N HIS B 110 4.11 12.12 4.25
CA HIS B 110 3.05 13.05 3.87
C HIS B 110 1.78 12.80 4.68
N SER B 111 1.48 11.52 4.89
CA SER B 111 0.30 11.11 5.67
C SER B 111 0.46 11.46 7.14
N GLU B 112 1.70 11.76 7.53
CA GLU B 112 2.00 12.21 8.88
C GLU B 112 1.88 13.74 8.95
N ALA B 113 2.13 14.39 7.82
CA ALA B 113 2.10 15.86 7.77
C ALA B 113 0.68 16.39 7.73
N LEU B 114 -0.15 15.80 6.86
CA LEU B 114 -1.55 16.16 6.74
C LEU B 114 -2.30 15.99 8.07
N GLU B 115 -2.04 14.87 8.74
CA GLU B 115 -2.67 14.59 10.03
C GLU B 115 -2.16 15.54 11.09
N ALA B 116 -0.96 16.08 10.86
CA ALA B 116 -0.35 17.04 11.77
C ALA B 116 -0.82 18.45 11.43
N LEU B 117 -1.06 18.69 10.14
CA LEU B 117 -1.56 19.97 9.68
C LEU B 117 -2.94 20.25 10.27
N GLU B 118 -3.75 19.20 10.39
CA GLU B 118 -5.12 19.34 10.86
C GLU B 118 -5.26 19.27 12.37
N ASN B 119 -4.47 18.41 13.00
CA ASN B 119 -4.44 18.31 14.45
C ASN B 119 -3.80 19.54 15.08
N GLY B 120 -3.04 20.28 14.29
CA GLY B 120 -2.38 21.48 14.75
C GLY B 120 -3.20 22.73 14.46
N ILE B 121 -3.91 22.72 13.35
CA ILE B 121 -4.78 23.83 12.98
C ILE B 121 -6.05 23.83 13.81
N LYS B 122 -6.42 22.67 14.35
CA LYS B 122 -7.60 22.57 15.21
C LYS B 122 -7.24 23.05 16.61
N SER B 123 -5.95 23.16 16.87
CA SER B 123 -5.46 23.63 18.15
C SER B 123 -5.10 25.12 18.10
N SER B 124 -4.00 25.45 17.45
CA SER B 124 -3.55 26.83 17.32
C SER B 124 -4.55 27.66 16.54
N ARG B 125 -5.34 28.47 17.24
CA ARG B 125 -6.38 29.28 16.62
C ARG B 125 -5.79 30.39 15.74
N ARG B 126 -4.51 30.69 15.94
CA ARG B 126 -3.83 31.72 15.18
C ARG B 126 -3.35 31.18 13.84
N LEU B 127 -3.01 29.89 13.82
CA LEU B 127 -2.58 29.23 12.59
C LEU B 127 -3.75 29.10 11.64
N GLU B 128 -4.92 28.81 12.20
CA GLU B 128 -6.14 28.65 11.40
C GLU B 128 -6.50 29.95 10.68
N ASN B 129 -6.38 31.06 11.40
CA ASN B 129 -6.69 32.36 10.83
C ASN B 129 -5.68 32.76 9.76
N PHE B 130 -4.52 32.11 9.80
CA PHE B 130 -3.47 32.35 8.80
C PHE B 130 -3.58 31.37 7.64
N CYS B 131 -3.79 30.10 7.96
CA CYS B 131 -3.86 29.07 6.94
C CYS B 131 -5.04 29.31 5.99
N ARG B 132 -6.20 29.63 6.55
CA ARG B 132 -7.38 29.94 5.76
C ARG B 132 -7.16 31.20 4.94
N ASP B 133 -6.39 32.13 5.49
CA ASP B 133 -6.07 33.38 4.81
C ASP B 133 -5.11 33.14 3.65
N PHE B 134 -4.29 32.10 3.75
CA PHE B 134 -3.39 31.75 2.66
C PHE B 134 -4.14 31.13 1.49
N GLU B 135 -5.17 30.34 1.80
CA GLU B 135 -5.95 29.67 0.76
C GLU B 135 -6.73 30.67 -0.10
N LEU B 136 -6.95 31.87 0.46
CA LEU B 136 -7.67 32.91 -0.26
C LEU B 136 -6.79 33.54 -1.35
N GLN B 137 -5.50 33.25 -1.29
CA GLN B 137 -4.58 33.71 -2.33
C GLN B 137 -4.90 33.00 -3.64
N LYS B 138 -4.68 33.70 -4.75
CA LYS B 138 -5.06 33.17 -6.06
C LYS B 138 -4.17 32.01 -6.54
N VAL B 139 -3.03 31.81 -5.87
CA VAL B 139 -2.15 30.70 -6.20
C VAL B 139 -2.81 29.38 -5.81
N CYS B 140 -3.56 29.41 -4.71
CA CYS B 140 -4.35 28.27 -4.26
C CYS B 140 -5.59 28.13 -5.12
N TYR B 141 -5.43 27.71 -6.37
CA TYR B 141 -6.57 27.47 -7.23
C TYR B 141 -7.29 26.21 -6.76
N LEU B 142 -6.60 25.39 -6.00
CA LEU B 142 -7.20 24.27 -5.27
C LEU B 142 -6.88 24.44 -3.77
N PRO B 143 -7.76 23.95 -2.88
CA PRO B 143 -7.54 24.05 -1.43
C PRO B 143 -6.17 23.50 -1.02
N LEU B 144 -5.58 24.09 0.01
CA LEU B 144 -4.20 23.79 0.43
C LEU B 144 -3.97 22.31 0.72
N ASN B 145 -4.97 21.67 1.31
CA ASN B 145 -4.89 20.24 1.64
C ASN B 145 -4.53 19.40 0.42
N THR B 146 -5.27 19.60 -0.67
CA THR B 146 -5.10 18.79 -1.87
C THR B 146 -3.69 18.90 -2.48
N PHE B 147 -2.96 19.94 -2.13
CA PHE B 147 -1.62 20.16 -2.68
C PHE B 147 -0.57 19.20 -2.13
N LEU B 148 -0.85 18.66 -0.95
CA LEU B 148 0.01 17.67 -0.33
C LEU B 148 -0.16 16.31 -1.02
N LEU B 149 -1.29 16.10 -1.67
CA LEU B 149 -1.57 14.84 -2.34
C LEU B 149 -0.97 14.76 -3.73
N ARG B 150 -0.62 15.92 -4.30
CA ARG B 150 -0.05 15.95 -5.64
C ARG B 150 1.22 15.09 -5.86
N PRO B 151 2.15 15.05 -4.88
CA PRO B 151 3.29 14.16 -5.09
C PRO B 151 2.90 12.68 -5.24
N LEU B 152 1.99 12.20 -4.41
CA LEU B 152 1.53 10.82 -4.52
C LEU B 152 0.69 10.62 -5.78
N HIS B 153 -0.14 11.63 -6.09
CA HIS B 153 -0.98 11.61 -7.27
C HIS B 153 -0.14 11.55 -8.54
N ARG B 154 0.94 12.33 -8.55
CA ARG B 154 1.81 12.39 -9.72
C ARG B 154 2.44 11.04 -10.01
N LEU B 155 2.69 10.25 -8.98
CA LEU B 155 3.31 8.94 -9.15
C LEU B 155 2.41 7.98 -9.92
N MET B 156 1.12 8.32 -10.06
CA MET B 156 0.16 7.51 -10.79
C MET B 156 0.06 7.86 -12.27
N HIS B 157 0.17 9.15 -12.58
CA HIS B 157 0.09 9.57 -13.97
C HIS B 157 1.28 9.05 -14.77
N TYR B 158 2.35 8.69 -14.05
CA TYR B 158 3.50 8.05 -14.68
C TYR B 158 3.16 6.62 -15.04
N LYS B 159 2.38 5.96 -14.18
CA LYS B 159 1.92 4.60 -14.44
C LYS B 159 0.95 4.60 -15.62
N GLN B 160 0.12 5.64 -15.70
CA GLN B 160 -0.86 5.76 -16.77
C GLN B 160 -0.20 5.98 -18.13
N VAL B 161 0.90 6.72 -18.12
CA VAL B 161 1.64 7.02 -19.34
C VAL B 161 2.37 5.79 -19.89
N LEU B 162 2.96 5.01 -19.00
CA LEU B 162 3.73 3.84 -19.41
C LEU B 162 2.84 2.67 -19.82
N GLU B 163 1.59 2.69 -19.36
CA GLU B 163 0.61 1.71 -19.80
C GLU B 163 0.14 2.04 -21.21
N ARG B 164 0.43 3.27 -21.65
CA ARG B 164 0.05 3.75 -22.97
C ARG B 164 1.21 3.52 -23.93
N LEU B 165 2.43 3.61 -23.41
CA LEU B 165 3.62 3.37 -24.20
C LEU B 165 3.84 1.89 -24.41
N CYS B 166 3.60 1.09 -23.38
CA CYS B 166 3.70 -0.37 -23.52
C CYS B 166 2.54 -0.92 -24.35
N LYS B 167 1.60 -0.03 -24.67
CA LYS B 167 0.49 -0.36 -25.55
C LYS B 167 0.82 0.07 -26.98
N HIS B 168 1.88 0.85 -27.12
CA HIS B 168 2.30 1.37 -28.42
C HIS B 168 3.78 1.09 -28.67
N HIS B 169 4.25 -0.06 -28.17
CA HIS B 169 5.65 -0.42 -28.34
C HIS B 169 5.82 -1.80 -28.95
N PRO B 170 6.43 -1.86 -30.14
CA PRO B 170 6.79 -3.12 -30.80
C PRO B 170 8.06 -3.69 -30.21
N PRO B 171 8.03 -4.98 -29.81
CA PRO B 171 9.17 -5.66 -29.19
C PRO B 171 10.41 -5.69 -30.08
N ALA B 174 11.67 -1.27 -30.55
CA ALA B 174 12.45 -0.11 -30.11
C ALA B 174 12.67 -0.13 -28.59
N ASP B 175 12.00 0.78 -27.88
CA ASP B 175 12.11 0.87 -26.42
C ASP B 175 11.07 0.03 -25.71
N PHE B 176 11.07 -1.28 -25.95
CA PHE B 176 10.08 -2.15 -25.34
C PHE B 176 10.53 -2.64 -23.96
N ARG B 177 11.81 -3.00 -23.86
CA ARG B 177 12.35 -3.48 -22.59
C ARG B 177 12.43 -2.34 -21.60
N ASP B 178 12.82 -1.16 -22.08
CA ASP B 178 12.91 0.02 -21.23
C ASP B 178 11.55 0.46 -20.69
N CYS B 179 10.55 0.47 -21.56
CA CYS B 179 9.21 0.87 -21.17
C CYS B 179 8.55 -0.17 -20.25
N ARG B 180 8.69 -1.45 -20.60
CA ARG B 180 8.07 -2.52 -19.83
C ARG B 180 8.75 -2.71 -18.48
N ALA B 181 9.97 -2.22 -18.34
CA ALA B 181 10.67 -2.26 -17.07
C ALA B 181 10.29 -1.05 -16.22
N ALA B 182 10.20 0.10 -16.87
CA ALA B 182 9.79 1.33 -16.20
C ALA B 182 8.34 1.24 -15.72
N LEU B 183 7.52 0.52 -16.49
CA LEU B 183 6.12 0.31 -16.13
C LEU B 183 5.98 -0.74 -15.04
N ALA B 184 6.80 -1.78 -15.11
CA ALA B 184 6.84 -2.78 -14.05
C ALA B 184 7.42 -2.15 -12.79
N GLU B 185 8.19 -1.09 -12.95
CA GLU B 185 8.82 -0.41 -11.82
C GLU B 185 7.82 0.55 -11.15
N ILE B 186 7.22 1.41 -11.94
CA ILE B 186 6.28 2.40 -11.44
C ILE B 186 5.04 1.74 -10.80
N THR B 187 4.61 0.63 -11.36
CA THR B 187 3.44 -0.10 -10.84
C THR B 187 3.67 -0.54 -9.39
N GLU B 188 4.78 -1.25 -9.15
CA GLU B 188 5.12 -1.69 -7.80
C GLU B 188 5.34 -0.51 -6.86
N MET B 189 5.89 0.57 -7.42
CA MET B 189 6.12 1.81 -6.66
C MET B 189 4.80 2.39 -6.16
N VAL B 190 3.78 2.38 -7.01
CA VAL B 190 2.45 2.86 -6.63
C VAL B 190 1.78 1.89 -5.65
N ALA B 191 1.98 0.60 -5.89
CA ALA B 191 1.37 -0.47 -5.10
C ALA B 191 1.73 -0.38 -3.62
N GLN B 192 2.87 0.23 -3.33
CA GLN B 192 3.28 0.43 -1.94
C GLN B 192 2.64 1.69 -1.37
N LEU B 193 2.60 2.75 -2.18
CA LEU B 193 1.99 4.00 -1.75
C LEU B 193 0.54 4.09 -2.21
N HIS B 194 -0.10 2.94 -2.36
CA HIS B 194 -1.51 2.89 -2.68
C HIS B 194 -2.31 2.97 -1.39
N GLY B 195 -1.72 2.47 -0.30
CA GLY B 195 -2.36 2.51 1.01
C GLY B 195 -2.25 3.88 1.63
N THR B 196 -1.15 4.56 1.35
CA THR B 196 -0.99 5.93 1.81
C THR B 196 -1.88 6.86 1.00
N MET B 197 -2.03 6.57 -0.30
CA MET B 197 -2.82 7.41 -1.18
C MET B 197 -4.31 7.37 -0.85
N ILE B 198 -4.80 6.22 -0.39
CA ILE B 198 -6.19 6.08 0.02
C ILE B 198 -6.42 6.70 1.40
N LYS B 199 -5.50 6.43 2.31
CA LYS B 199 -5.60 6.98 3.66
C LYS B 199 -5.49 8.50 3.66
N MET B 200 -4.64 9.04 2.78
CA MET B 200 -4.50 10.49 2.64
C MET B 200 -5.72 11.11 1.97
N GLU B 201 -6.21 10.46 0.92
CA GLU B 201 -7.32 10.99 0.15
C GLU B 201 -8.60 11.03 0.98
N ASN B 202 -8.90 9.94 1.67
CA ASN B 202 -10.12 9.86 2.46
C ASN B 202 -10.04 10.75 3.70
N PHE B 203 -8.85 11.26 3.99
CA PHE B 203 -8.66 12.22 5.06
C PHE B 203 -8.97 13.64 4.56
N GLN B 204 -8.49 13.95 3.35
CA GLN B 204 -8.65 15.29 2.78
C GLN B 204 -10.12 15.64 2.58
N LYS B 205 -10.81 14.84 1.78
CA LYS B 205 -12.21 15.11 1.45
C LYS B 205 -13.17 14.90 2.63
N LEU B 206 -12.61 14.59 3.80
CA LEU B 206 -13.42 14.44 5.00
C LEU B 206 -13.17 15.66 5.88
N HIS B 207 -12.03 16.30 5.66
CA HIS B 207 -11.67 17.50 6.41
C HIS B 207 -12.04 18.77 5.67
N GLU B 208 -11.68 18.82 4.39
CA GLU B 208 -12.00 19.97 3.54
C GLU B 208 -13.51 20.14 3.44
N LEU B 209 -14.22 19.02 3.45
CA LEU B 209 -15.68 19.02 3.39
C LEU B 209 -16.26 19.59 4.67
N LYS B 210 -15.55 19.41 5.79
CA LYS B 210 -16.00 19.90 7.09
C LYS B 210 -15.89 21.41 7.19
N LYS B 211 -15.14 22.02 6.27
CA LYS B 211 -15.01 23.47 6.24
C LYS B 211 -16.25 24.13 5.63
N ASP B 212 -16.86 23.45 4.67
CA ASP B 212 -18.03 24.00 3.99
C ASP B 212 -19.32 23.74 4.77
N LEU B 213 -19.20 23.00 5.86
CA LEU B 213 -20.33 22.68 6.73
C LEU B 213 -20.25 23.44 8.04
N ILE B 214 -21.39 23.58 8.72
CA ILE B 214 -21.45 24.31 9.97
C ILE B 214 -22.67 23.90 10.78
N GLY B 215 -22.49 22.93 11.66
CA GLY B 215 -23.58 22.43 12.48
C GLY B 215 -23.25 21.09 13.12
N ILE B 216 -21.99 20.67 12.96
CA ILE B 216 -21.52 19.42 13.56
C ILE B 216 -20.13 19.60 14.18
N ASP B 217 -19.98 19.17 15.43
CA ASP B 217 -18.71 19.29 16.14
C ASP B 217 -18.02 17.94 16.30
N LEU B 219 -17.00 15.87 13.00
CA LEU B 219 -17.55 14.64 12.44
C LEU B 219 -16.44 13.64 12.10
N VAL B 220 -15.20 14.09 12.24
CA VAL B 220 -14.04 13.27 11.86
C VAL B 220 -13.77 12.12 12.83
N VAL B 221 -14.37 10.97 12.54
CA VAL B 221 -14.15 9.76 13.31
C VAL B 221 -13.17 8.86 12.56
N PRO B 222 -12.19 8.28 13.27
CA PRO B 222 -11.22 7.37 12.66
C PRO B 222 -11.84 6.17 11.95
N GLY B 223 -13.12 5.89 12.24
CA GLY B 223 -13.83 4.79 11.59
C GLY B 223 -14.96 5.28 10.69
N ARG B 224 -14.71 6.40 10.00
CA ARG B 224 -15.71 6.98 9.11
C ARG B 224 -15.18 7.22 7.70
N GLU B 225 -15.93 6.77 6.70
CA GLU B 225 -15.57 6.99 5.31
C GLU B 225 -16.54 7.97 4.65
N PHE B 226 -16.25 8.35 3.40
CA PHE B 226 -17.10 9.25 2.64
C PHE B 226 -17.61 8.58 1.36
N ILE B 227 -18.91 8.66 1.12
CA ILE B 227 -19.51 8.06 -0.07
C ILE B 227 -19.75 9.08 -1.18
N ARG B 228 -20.68 10.01 -0.97
CA ARG B 228 -20.97 11.03 -1.97
C ARG B 228 -21.58 12.30 -1.38
N LEU B 229 -21.31 13.43 -2.04
CA LEU B 229 -22.01 14.68 -1.77
C LEU B 229 -23.13 14.80 -2.79
N GLY B 230 -23.65 16.00 -2.99
CA GLY B 230 -24.64 16.21 -4.03
C GLY B 230 -25.96 16.77 -3.54
N SER B 231 -26.80 17.20 -4.48
CA SER B 231 -28.06 17.85 -4.13
C SER B 231 -29.30 17.04 -4.52
N LEU B 232 -30.26 17.01 -3.60
CA LEU B 232 -31.55 16.37 -3.83
C LEU B 232 -32.64 17.24 -3.22
N SER B 233 -33.83 17.21 -3.82
CA SER B 233 -34.93 18.04 -3.33
C SER B 233 -35.84 17.24 -2.39
N LYS B 234 -35.79 17.58 -1.11
CA LYS B 234 -36.56 16.86 -0.09
C LYS B 234 -37.98 17.40 0.06
N LEU B 235 -38.95 16.53 -0.20
CA LEU B 235 -40.36 16.88 -0.11
C LEU B 235 -40.76 17.25 1.30
N SER B 236 -41.33 18.45 1.44
CA SER B 236 -41.87 18.89 2.72
C SER B 236 -43.35 19.21 2.54
N GLY B 237 -44.04 19.44 3.64
CA GLY B 237 -45.45 19.77 3.58
C GLY B 237 -45.67 21.01 2.73
N LYS B 238 -44.76 21.97 2.86
CA LYS B 238 -44.85 23.24 2.17
C LYS B 238 -44.42 23.14 0.71
N GLY B 239 -44.01 21.94 0.30
CA GLY B 239 -43.60 21.70 -1.06
C GLY B 239 -42.25 21.02 -1.15
N LEU B 240 -41.69 20.98 -2.36
CA LEU B 240 -40.36 20.43 -2.54
C LEU B 240 -39.32 21.48 -2.13
N GLN B 241 -38.34 21.05 -1.34
CA GLN B 241 -37.30 21.96 -0.88
C GLN B 241 -35.91 21.41 -1.21
N GLN B 242 -35.20 22.08 -2.12
CA GLN B 242 -33.85 21.67 -2.48
C GLN B 242 -32.93 21.79 -1.28
N ARG B 243 -32.22 20.71 -0.97
CA ARG B 243 -31.25 20.70 0.13
C ARG B 243 -30.02 19.91 -0.29
N MET B 244 -28.97 19.95 0.53
CA MET B 244 -27.78 19.14 0.23
C MET B 244 -27.75 17.87 1.08
N PHE B 245 -27.22 16.80 0.49
CA PHE B 245 -27.14 15.51 1.15
C PHE B 245 -25.72 14.97 1.13
N PHE B 246 -25.27 14.48 2.28
CA PHE B 246 -23.90 13.98 2.42
C PHE B 246 -23.89 12.57 2.97
N LEU B 247 -23.83 11.60 2.07
CA LEU B 247 -23.83 10.19 2.46
C LEU B 247 -22.45 9.76 2.93
N PHE B 248 -22.37 9.24 4.16
CA PHE B 248 -21.11 8.76 4.72
C PHE B 248 -21.15 7.26 5.01
N ASN B 249 -20.09 6.75 5.61
CA ASN B 249 -19.99 5.33 5.92
C ASN B 249 -21.10 4.89 6.85
N ASP B 250 -21.48 5.76 7.78
CA ASP B 250 -22.46 5.43 8.80
C ASP B 250 -23.68 6.34 8.81
N VAL B 251 -23.45 7.62 8.51
CA VAL B 251 -24.47 8.65 8.69
C VAL B 251 -24.81 9.39 7.40
N LEU B 252 -26.11 9.64 7.19
CA LEU B 252 -26.53 10.56 6.15
C LEU B 252 -26.86 11.93 6.74
N LEU B 253 -26.06 12.93 6.39
CA LEU B 253 -26.30 14.31 6.82
C LEU B 253 -27.06 15.07 5.73
N TYR B 254 -28.08 15.81 6.12
CA TYR B 254 -28.80 16.63 5.17
C TYR B 254 -28.97 18.06 5.69
N THR B 255 -28.85 19.02 4.78
CA THR B 255 -28.83 20.44 5.13
C THR B 255 -30.23 21.04 5.09
N SER B 256 -30.30 22.36 5.19
CA SER B 256 -31.57 23.07 5.15
C SER B 256 -31.67 24.03 3.97
N SER B 262 -26.63 30.51 4.92
CA SER B 262 -25.89 31.74 5.23
C SER B 262 -24.50 31.69 4.60
N ASN B 263 -23.47 31.90 5.40
CA ASN B 263 -22.10 31.84 4.92
C ASN B 263 -21.72 30.42 4.48
N GLN B 264 -22.16 29.43 5.25
CA GLN B 264 -21.85 28.02 4.98
C GLN B 264 -23.10 27.16 4.79
N PHE B 265 -22.99 25.87 5.12
CA PHE B 265 -24.13 24.96 5.05
C PHE B 265 -24.50 24.42 6.45
N LYS B 266 -25.60 24.93 7.00
CA LYS B 266 -26.04 24.51 8.33
C LYS B 266 -26.87 23.23 8.26
N VAL B 267 -26.32 22.13 8.75
CA VAL B 267 -26.99 20.85 8.68
C VAL B 267 -28.28 20.87 9.50
N HIS B 268 -29.23 20.02 9.11
CA HIS B 268 -30.49 19.94 9.83
C HIS B 268 -30.42 18.80 10.83
N GLY B 269 -30.53 17.58 10.31
CA GLY B 269 -30.42 16.39 11.13
C GLY B 269 -29.59 15.32 10.43
N GLN B 270 -29.50 14.15 11.05
CA GLN B 270 -28.75 13.04 10.47
C GLN B 270 -29.52 11.74 10.58
N LEU B 271 -29.17 10.77 9.75
CA LEU B 271 -29.84 9.47 9.77
C LEU B 271 -28.83 8.33 9.73
N PRO B 272 -28.42 7.83 10.91
CA PRO B 272 -27.51 6.68 10.98
C PRO B 272 -28.06 5.52 10.16
N LEU B 273 -27.23 4.96 9.28
CA LEU B 273 -27.68 3.96 8.34
C LEU B 273 -28.26 2.70 9.02
N TYR B 274 -27.40 1.76 9.39
CA TYR B 274 -27.86 0.50 9.97
C TYR B 274 -28.70 0.72 11.23
N GLY B 275 -29.98 0.36 11.14
CA GLY B 275 -30.55 -0.20 9.92
C GLY B 275 -31.68 0.66 9.38
N MET B 276 -31.55 1.05 8.11
CA MET B 276 -32.59 1.82 7.45
C MET B 276 -32.97 1.19 6.10
N THR B 277 -34.23 1.30 5.74
CA THR B 277 -34.71 0.80 4.46
C THR B 277 -34.77 1.93 3.44
N ILE B 278 -34.92 1.58 2.18
CA ILE B 278 -35.00 2.56 1.11
C ILE B 278 -35.75 2.03 -0.10
N GLU B 279 -36.85 2.68 -0.45
CA GLU B 279 -37.68 2.25 -1.57
C GLU B 279 -38.16 3.46 -2.36
N GLU B 280 -38.36 3.28 -3.66
CA GLU B 280 -38.85 4.35 -4.53
C GLU B 280 -40.30 4.74 -4.18
N SER B 281 -40.82 5.76 -4.85
CA SER B 281 -42.19 6.21 -4.57
C SER B 281 -42.99 6.67 -5.80
N GLU B 282 -44.10 6.00 -6.04
CA GLU B 282 -45.08 6.48 -7.01
C GLU B 282 -46.24 7.13 -6.26
N ASP B 283 -45.91 7.94 -5.25
CA ASP B 283 -46.90 8.58 -4.41
C ASP B 283 -46.36 9.87 -3.78
N PRO B 288 -41.88 11.78 -10.78
CA PRO B 288 -41.22 12.63 -9.80
C PRO B 288 -39.84 12.10 -9.42
N HIS B 289 -39.55 10.86 -9.81
CA HIS B 289 -38.24 10.22 -9.59
C HIS B 289 -37.80 10.22 -8.13
N CYS B 290 -38.72 9.89 -7.22
CA CYS B 290 -38.48 10.07 -5.80
C CYS B 290 -38.50 8.77 -4.99
N LEU B 291 -37.71 8.74 -3.93
CA LEU B 291 -37.71 7.62 -3.00
C LEU B 291 -37.83 8.11 -1.54
N THR B 292 -37.91 7.17 -0.61
CA THR B 292 -37.99 7.51 0.81
C THR B 292 -36.89 6.79 1.60
N LEU B 293 -36.51 7.40 2.72
CA LEU B 293 -35.45 6.85 3.55
C LEU B 293 -35.94 6.53 4.96
N ARG B 294 -36.68 5.43 5.08
CA ARG B 294 -37.24 5.04 6.37
C ARG B 294 -36.14 4.55 7.31
N GLY B 295 -35.63 5.46 8.14
CA GLY B 295 -34.61 5.12 9.11
C GLY B 295 -35.20 4.41 10.31
N GLN B 296 -34.34 3.82 11.13
CA GLN B 296 -34.80 3.14 12.34
C GLN B 296 -35.46 4.13 13.29
N ARG B 297 -34.99 5.38 13.25
CA ARG B 297 -35.55 6.43 14.07
C ARG B 297 -36.53 7.30 13.27
N GLN B 298 -36.00 8.04 12.30
CA GLN B 298 -36.79 9.00 11.53
C GLN B 298 -36.81 8.66 10.04
N SER B 299 -37.79 9.21 9.32
CA SER B 299 -37.94 8.92 7.90
C SER B 299 -38.15 10.19 7.08
N ILE B 300 -37.63 10.18 5.85
CA ILE B 300 -37.73 11.34 4.95
C ILE B 300 -37.99 10.93 3.50
N ILE B 301 -38.81 11.71 2.81
CA ILE B 301 -39.07 11.50 1.38
C ILE B 301 -38.16 12.41 0.54
N VAL B 302 -37.42 11.80 -0.38
CA VAL B 302 -36.46 12.54 -1.21
C VAL B 302 -36.79 12.44 -2.70
N ALA B 303 -36.78 13.58 -3.38
CA ALA B 303 -37.02 13.63 -4.82
C ALA B 303 -35.74 13.94 -5.57
N ALA B 304 -35.42 13.12 -6.57
CA ALA B 304 -34.15 13.27 -7.28
C ALA B 304 -34.26 14.21 -8.48
N SER B 305 -33.11 14.42 -9.13
CA SER B 305 -33.04 15.23 -10.34
C SER B 305 -33.61 14.47 -11.53
N SER B 306 -33.09 13.27 -11.77
CA SER B 306 -33.60 12.40 -12.82
C SER B 306 -33.19 10.96 -12.54
N ARG B 307 -33.59 10.05 -13.42
CA ARG B 307 -33.33 8.63 -13.21
C ARG B 307 -31.84 8.31 -13.15
N SER B 308 -31.02 9.16 -13.76
CA SER B 308 -29.57 9.00 -13.69
C SER B 308 -29.06 9.33 -12.29
N GLU B 309 -29.66 10.35 -11.67
CA GLU B 309 -29.28 10.78 -10.34
C GLU B 309 -29.79 9.81 -9.27
N MET B 310 -31.08 9.55 -9.32
CA MET B 310 -31.73 8.68 -8.36
C MET B 310 -31.04 7.33 -8.19
N GLU B 311 -30.90 6.62 -9.31
CA GLU B 311 -30.32 5.28 -9.29
C GLU B 311 -28.87 5.28 -8.85
N LYS B 312 -28.24 6.45 -8.87
CA LYS B 312 -26.89 6.60 -8.39
C LYS B 312 -26.89 6.72 -6.87
N TRP B 313 -27.89 7.43 -6.35
CA TRP B 313 -27.99 7.62 -4.91
C TRP B 313 -28.41 6.34 -4.21
N VAL B 314 -29.34 5.62 -4.83
CA VAL B 314 -29.85 4.38 -4.26
C VAL B 314 -28.74 3.35 -4.08
N GLU B 315 -27.97 3.13 -5.14
CA GLU B 315 -26.89 2.16 -5.09
C GLU B 315 -25.84 2.54 -4.05
N ASP B 316 -25.59 3.83 -3.89
CA ASP B 316 -24.61 4.31 -2.92
C ASP B 316 -25.14 4.22 -1.50
N ILE B 317 -26.42 4.54 -1.35
CA ILE B 317 -27.09 4.45 -0.06
C ILE B 317 -27.21 3.00 0.40
N GLN B 318 -27.78 2.15 -0.46
CA GLN B 318 -28.03 0.75 -0.11
C GLN B 318 -26.74 -0.03 0.17
N MET B 319 -25.67 0.27 -0.57
CA MET B 319 -24.39 -0.41 -0.39
C MET B 319 -23.69 0.07 0.88
N ALA B 320 -24.03 1.27 1.33
CA ALA B 320 -23.51 1.79 2.58
C ALA B 320 -24.31 1.26 3.77
N ILE B 321 -25.56 0.89 3.51
CA ILE B 321 -26.41 0.28 4.54
C ILE B 321 -26.06 -1.19 4.73
N ASP B 322 -26.02 -1.93 3.61
CA ASP B 322 -25.73 -3.36 3.63
C ASP B 322 -24.28 -3.65 3.98
N LEU B 323 -23.52 -2.61 4.33
CA LEU B 323 -22.14 -2.79 4.77
C LEU B 323 -21.99 -2.35 6.22
N ALA B 324 -22.73 -1.30 6.60
CA ALA B 324 -22.68 -0.77 7.96
C ALA B 324 -23.47 -1.63 8.96
N GLU B 325 -23.04 -1.62 10.21
CA GLU B 325 -23.68 -2.40 11.27
C GLU B 325 -23.82 -1.58 12.56
N LYS B 326 -24.17 -2.25 13.65
CA LYS B 326 -24.32 -1.59 14.94
C LYS B 326 -22.97 -1.19 15.54
N SER B 327 -22.98 -0.71 16.78
CA SER B 327 -21.78 -0.30 17.50
C SER B 327 -20.97 0.75 16.72
N THR B 376 -16.30 24.90 -2.89
CA THR B 376 -15.86 23.61 -3.40
C THR B 376 -16.84 23.10 -4.43
N MET B 377 -16.75 21.81 -4.75
CA MET B 377 -17.74 21.17 -5.63
C MET B 377 -19.03 20.92 -4.86
N VAL B 378 -19.13 21.50 -3.67
CA VAL B 378 -20.35 21.48 -2.88
C VAL B 378 -21.27 22.55 -3.43
N HIS B 379 -20.69 23.68 -3.79
CA HIS B 379 -21.41 24.84 -4.31
C HIS B 379 -21.86 24.62 -5.75
N VAL B 380 -21.02 23.98 -6.54
CA VAL B 380 -21.33 23.67 -7.93
C VAL B 380 -22.49 22.67 -8.01
N CYS B 381 -22.42 21.65 -7.15
CA CYS B 381 -23.45 20.63 -7.07
C CYS B 381 -24.77 21.17 -6.52
N TRP B 382 -24.68 21.94 -5.44
CA TRP B 382 -25.85 22.56 -4.84
C TRP B 382 -26.54 23.51 -5.81
N HIS B 383 -25.76 24.19 -6.63
CA HIS B 383 -26.31 25.16 -7.56
C HIS B 383 -26.50 24.60 -8.97
N ARG B 384 -26.47 23.28 -9.10
CA ARG B 384 -26.77 22.62 -10.38
C ARG B 384 -27.55 21.30 -10.24
N ASN B 385 -27.76 20.88 -8.98
CA ASN B 385 -28.41 19.59 -8.69
C ASN B 385 -27.72 18.37 -9.30
N THR B 386 -26.42 18.25 -9.04
CA THR B 386 -25.64 17.09 -9.43
C THR B 386 -24.92 16.54 -8.21
N SER B 387 -24.14 15.48 -8.38
CA SER B 387 -23.47 14.85 -7.26
C SER B 387 -22.07 14.35 -7.61
N VAL B 388 -21.24 14.18 -6.59
CA VAL B 388 -19.90 13.64 -6.77
C VAL B 388 -19.61 12.61 -5.69
N SER B 389 -19.49 11.36 -6.07
CA SER B 389 -19.09 10.34 -5.11
C SER B 389 -17.58 10.34 -4.93
N MET B 390 -17.10 9.67 -3.88
CA MET B 390 -15.67 9.56 -3.66
C MET B 390 -15.06 8.76 -4.82
N VAL B 391 -15.88 7.91 -5.42
CA VAL B 391 -15.50 7.19 -6.63
C VAL B 391 -15.37 8.15 -7.78
N ASP B 392 -16.26 9.14 -7.82
CA ASP B 392 -16.26 10.15 -8.88
C ASP B 392 -15.01 11.02 -8.79
N PHE B 393 -14.50 11.21 -7.57
CA PHE B 393 -13.31 12.01 -7.37
C PHE B 393 -12.07 11.35 -7.96
N SER B 394 -11.92 10.05 -7.72
CA SER B 394 -10.76 9.34 -8.23
C SER B 394 -10.90 9.02 -9.72
N ILE B 395 -12.10 9.20 -10.27
CA ILE B 395 -12.34 8.99 -11.68
C ILE B 395 -11.79 10.15 -12.51
N ALA B 396 -11.75 11.34 -11.91
CA ALA B 396 -11.17 12.51 -12.56
C ALA B 396 -9.80 12.84 -11.99
N VAL B 397 -9.29 11.94 -11.14
CA VAL B 397 -7.93 12.04 -10.63
C VAL B 397 -6.97 11.37 -11.60
N GLU B 398 -7.38 10.22 -12.12
CA GLU B 398 -6.61 9.49 -13.13
C GLU B 398 -6.74 10.19 -14.48
N ASN B 399 -7.54 11.25 -14.52
CA ASN B 399 -7.72 12.03 -15.75
C ASN B 399 -7.32 13.49 -15.59
N GLN B 400 -6.37 13.76 -14.71
CA GLN B 400 -5.81 15.08 -14.58
C GLN B 400 -5.00 15.37 -15.85
N LEU B 401 -5.18 16.57 -16.41
CA LEU B 401 -4.54 16.91 -17.67
C LEU B 401 -4.23 18.40 -17.76
N SER B 402 -3.15 18.73 -18.46
CA SER B 402 -2.71 20.10 -18.61
C SER B 402 -1.95 20.27 -19.93
N GLY B 403 -2.31 21.29 -20.70
CA GLY B 403 -1.68 21.52 -21.99
C GLY B 403 -2.06 22.84 -22.64
N ASN B 404 -1.84 22.92 -23.94
CA ASN B 404 -2.10 24.14 -24.71
C ASN B 404 -3.22 23.97 -25.74
N LEU B 405 -4.20 24.85 -25.68
CA LEU B 405 -5.28 24.86 -26.67
C LEU B 405 -5.94 26.24 -26.77
N LEU B 406 -6.61 26.50 -27.89
CA LEU B 406 -7.16 27.83 -28.15
C LEU B 406 -8.67 27.86 -28.04
N ARG B 407 -9.22 29.04 -27.72
CA ARG B 407 -10.65 29.15 -27.49
C ARG B 407 -11.26 30.50 -27.87
N LYS B 408 -12.56 30.46 -28.19
CA LYS B 408 -13.36 31.63 -28.51
C LYS B 408 -14.81 31.19 -28.59
N PHE B 409 -15.73 32.14 -28.64
CA PHE B 409 -17.15 31.81 -28.67
C PHE B 409 -18.04 32.93 -29.23
N TRP B 415 -9.81 32.85 -32.61
CA TRP B 415 -9.38 32.12 -31.43
C TRP B 415 -8.62 33.01 -30.43
N GLN B 416 -8.03 32.36 -29.43
CA GLN B 416 -7.20 33.03 -28.42
C GLN B 416 -6.26 32.01 -27.80
N LYS B 417 -4.95 32.31 -27.79
CA LYS B 417 -3.97 31.40 -27.21
C LYS B 417 -4.13 31.28 -25.70
N LEU B 418 -4.05 30.05 -25.19
CA LEU B 418 -4.25 29.80 -23.76
C LEU B 418 -3.60 28.50 -23.25
N TRP B 419 -2.97 28.59 -22.09
CA TRP B 419 -2.40 27.45 -21.39
C TRP B 419 -3.41 27.01 -20.33
N VAL B 420 -4.02 25.84 -20.54
CA VAL B 420 -5.16 25.41 -19.71
C VAL B 420 -4.87 24.18 -18.85
N VAL B 421 -5.20 24.29 -17.56
CA VAL B 421 -5.10 23.18 -16.63
C VAL B 421 -6.49 22.61 -16.39
N PHE B 422 -6.58 21.29 -16.19
CA PHE B 422 -7.85 20.67 -15.90
C PHE B 422 -7.74 19.72 -14.71
N THR B 423 -8.19 20.19 -13.55
CA THR B 423 -8.18 19.38 -12.33
C THR B 423 -9.49 19.54 -11.56
N ASN B 424 -9.82 18.54 -10.75
CA ASN B 424 -11.02 18.57 -9.93
C ASN B 424 -12.30 18.82 -10.73
N PHE B 425 -12.43 18.15 -11.86
CA PHE B 425 -13.57 18.33 -12.78
C PHE B 425 -13.79 19.80 -13.13
N CYS B 426 -12.69 20.54 -13.24
CA CYS B 426 -12.76 21.99 -13.42
C CYS B 426 -11.57 22.51 -14.22
N LEU B 427 -11.85 23.24 -15.30
CA LEU B 427 -10.80 23.85 -16.11
C LEU B 427 -10.19 25.05 -15.41
N PHE B 428 -8.88 25.21 -15.57
CA PHE B 428 -8.18 26.38 -15.04
C PHE B 428 -7.39 27.07 -16.14
N PHE B 429 -7.66 28.35 -16.33
CA PHE B 429 -7.04 29.12 -17.41
C PHE B 429 -5.85 29.92 -16.93
N TYR B 430 -4.73 29.73 -17.61
CA TYR B 430 -3.51 30.47 -17.28
C TYR B 430 -3.10 31.32 -18.48
N LYS B 431 -2.62 32.53 -18.19
CA LYS B 431 -2.12 33.43 -19.23
C LYS B 431 -1.06 32.75 -20.10
N SER B 432 -0.01 32.21 -19.46
CA SER B 432 1.03 31.51 -20.18
C SER B 432 1.52 30.28 -19.41
N HIS B 433 2.53 29.60 -19.95
CA HIS B 433 3.09 28.41 -19.30
C HIS B 433 3.74 28.74 -17.96
N GLN B 434 4.60 29.75 -17.94
CA GLN B 434 5.29 30.13 -16.72
C GLN B 434 4.52 31.15 -15.88
N ASP B 435 3.21 30.97 -15.80
CA ASP B 435 2.36 31.87 -15.01
C ASP B 435 1.92 31.22 -13.70
N ASN B 436 2.12 31.93 -12.60
CA ASN B 436 1.71 31.44 -11.29
C ASN B 436 0.43 32.09 -10.84
N HIS B 437 -0.42 32.45 -11.81
CA HIS B 437 -1.67 33.15 -11.51
C HIS B 437 -2.72 32.84 -12.58
N PRO B 438 -3.79 32.13 -12.19
CA PRO B 438 -4.87 31.79 -13.11
C PRO B 438 -5.63 33.01 -13.60
N LEU B 439 -5.93 33.05 -14.91
CA LEU B 439 -6.73 34.11 -15.49
C LEU B 439 -8.19 33.94 -15.06
N ALA B 440 -8.69 32.71 -15.19
CA ALA B 440 -10.03 32.35 -14.76
C ALA B 440 -10.16 30.83 -14.67
N SER B 441 -11.33 30.34 -14.27
CA SER B 441 -11.55 28.90 -14.19
C SER B 441 -12.84 28.49 -14.90
N LEU B 442 -13.16 27.20 -14.84
CA LEU B 442 -14.36 26.68 -15.49
C LEU B 442 -14.79 25.32 -14.93
N PRO B 443 -15.84 25.31 -14.11
CA PRO B 443 -16.39 24.09 -13.50
C PRO B 443 -17.23 23.32 -14.51
N LEU B 444 -16.79 22.11 -14.86
CA LEU B 444 -17.41 21.35 -15.93
C LEU B 444 -18.59 20.48 -15.51
N LEU B 445 -18.98 20.56 -14.25
CA LEU B 445 -20.09 19.77 -13.75
C LEU B 445 -21.40 20.08 -14.47
N GLY B 446 -21.84 19.17 -15.31
CA GLY B 446 -23.11 19.31 -16.00
C GLY B 446 -22.95 19.76 -17.43
N TYR B 447 -21.73 20.14 -17.81
CA TYR B 447 -21.45 20.58 -19.17
C TYR B 447 -21.49 19.40 -20.13
N SER B 448 -22.31 19.51 -21.18
CA SER B 448 -22.35 18.49 -22.21
C SER B 448 -21.10 18.64 -23.08
N LEU B 449 -20.73 17.59 -23.79
CA LEU B 449 -19.61 17.67 -24.71
C LEU B 449 -20.02 17.21 -26.11
N THR B 450 -20.02 18.15 -27.04
CA THR B 450 -20.38 17.87 -28.42
C THR B 450 -19.29 18.42 -29.35
N ILE B 451 -19.28 17.94 -30.59
CA ILE B 451 -18.44 18.51 -31.63
C ILE B 451 -19.24 18.85 -32.86
N PRO B 452 -18.75 19.81 -33.65
CA PRO B 452 -19.41 20.19 -34.89
C PRO B 452 -18.40 20.30 -36.02
N LYS B 460 -11.11 25.60 -38.34
CA LYS B 460 -9.84 24.96 -38.03
C LYS B 460 -9.87 23.47 -38.35
N ASP B 461 -9.27 22.66 -37.47
CA ASP B 461 -9.23 21.23 -37.68
C ASP B 461 -9.77 20.44 -36.48
N TYR B 462 -9.13 20.58 -35.32
CA TYR B 462 -9.54 19.83 -34.14
C TYR B 462 -10.13 20.76 -33.09
N VAL B 463 -11.44 20.67 -32.91
CA VAL B 463 -12.14 21.55 -31.97
C VAL B 463 -13.39 20.91 -31.35
N PHE B 464 -13.45 20.94 -30.02
CA PHE B 464 -14.62 20.42 -29.29
C PHE B 464 -15.40 21.54 -28.61
N LYS B 465 -16.69 21.29 -28.42
CA LYS B 465 -17.60 22.30 -27.88
C LYS B 465 -18.20 21.87 -26.54
N LEU B 466 -18.18 22.77 -25.57
CA LEU B 466 -18.73 22.47 -24.24
C LEU B 466 -20.00 23.25 -23.96
N HIS B 467 -21.13 22.71 -24.40
CA HIS B 467 -22.43 23.36 -24.24
C HIS B 467 -23.01 23.13 -22.83
N PHE B 468 -23.46 24.21 -22.20
CA PHE B 468 -24.17 24.12 -20.92
C PHE B 468 -25.13 25.29 -20.77
N LYS B 469 -26.41 24.97 -20.53
CA LYS B 469 -27.46 25.97 -20.37
C LYS B 469 -27.44 26.95 -21.54
N SER B 470 -26.90 28.13 -21.29
CA SER B 470 -26.76 29.14 -22.32
C SER B 470 -25.28 29.37 -22.63
N HIS B 471 -24.41 28.96 -21.70
CA HIS B 471 -22.97 29.18 -21.86
C HIS B 471 -22.37 28.16 -22.83
N VAL B 472 -21.64 28.66 -23.83
CA VAL B 472 -21.05 27.81 -24.86
C VAL B 472 -19.61 28.19 -25.18
N TYR B 473 -18.70 27.26 -24.94
CA TYR B 473 -17.28 27.49 -25.23
C TYR B 473 -16.78 26.53 -26.29
N TYR B 474 -15.87 27.03 -27.13
CA TYR B 474 -15.23 26.21 -28.16
C TYR B 474 -13.73 26.12 -27.90
N PHE B 475 -13.17 24.92 -28.00
CA PHE B 475 -11.75 24.71 -27.72
C PHE B 475 -11.04 24.00 -28.86
N ARG B 476 -10.06 24.65 -29.47
CA ARG B 476 -9.28 24.06 -30.56
C ARG B 476 -7.95 23.50 -30.08
N ALA B 477 -7.81 22.18 -30.14
CA ALA B 477 -6.59 21.51 -29.67
C ALA B 477 -5.44 21.60 -30.67
N GLU B 478 -4.24 21.23 -30.22
CA GLU B 478 -3.03 21.43 -31.03
C GLU B 478 -2.49 20.16 -31.71
N SER B 479 -3.29 19.09 -31.75
CA SER B 479 -2.86 17.86 -32.39
C SER B 479 -4.04 16.98 -32.79
N GLU B 480 -3.75 15.89 -33.49
CA GLU B 480 -4.77 14.90 -33.79
C GLU B 480 -4.83 13.90 -32.65
N TYR B 481 -3.77 13.86 -31.85
CA TYR B 481 -3.68 12.96 -30.72
C TYR B 481 -4.29 13.58 -29.48
N THR B 482 -3.74 14.72 -29.06
CA THR B 482 -4.15 15.33 -27.80
C THR B 482 -5.55 15.89 -27.88
N PHE B 483 -6.08 16.01 -29.10
CA PHE B 483 -7.47 16.38 -29.29
C PHE B 483 -8.38 15.30 -28.71
N GLU B 484 -7.92 14.05 -28.79
CA GLU B 484 -8.68 12.92 -28.25
C GLU B 484 -8.41 12.74 -26.76
N ARG B 485 -7.17 12.97 -26.35
CA ARG B 485 -6.76 12.86 -24.95
C ARG B 485 -7.40 13.94 -24.09
N TRP B 486 -7.70 15.08 -24.71
CA TRP B 486 -8.40 16.15 -24.00
C TRP B 486 -9.83 15.75 -23.73
N MET B 487 -10.47 15.12 -24.72
CA MET B 487 -11.85 14.72 -24.59
C MET B 487 -11.98 13.46 -23.73
N GLU B 488 -10.89 12.70 -23.64
CA GLU B 488 -10.88 11.50 -22.82
C GLU B 488 -10.91 11.85 -21.32
N VAL B 489 -10.31 12.97 -20.96
CA VAL B 489 -10.27 13.40 -19.57
C VAL B 489 -11.46 14.29 -19.22
N ILE B 490 -12.06 14.90 -20.25
CA ILE B 490 -13.19 15.80 -20.04
C ILE B 490 -14.51 15.04 -19.98
N ARG B 491 -14.69 14.07 -20.88
CA ARG B 491 -15.91 13.26 -20.90
C ARG B 491 -16.07 12.50 -19.58
N SER B 492 -14.96 12.32 -18.86
CA SER B 492 -14.99 11.67 -17.55
C SER B 492 -15.61 12.60 -16.52
N ALA B 493 -15.31 13.88 -16.64
CA ALA B 493 -15.82 14.87 -15.69
C ALA B 493 -17.08 15.56 -16.21
N THR B 494 -17.22 15.62 -17.54
CA THR B 494 -18.41 16.19 -18.16
C THR B 494 -19.63 15.28 -17.97
N SER B 495 -19.76 14.29 -18.86
CA SER B 495 -20.86 13.32 -18.76
C SER B 495 -20.35 11.89 -18.90
#